data_2Q30
#
_entry.id   2Q30
#
_cell.length_a   43.140
_cell.length_b   133.950
_cell.length_c   74.660
_cell.angle_alpha   90.000
_cell.angle_beta   93.040
_cell.angle_gamma   90.000
#
_symmetry.space_group_name_H-M   'P 1 21 1'
#
loop_
_entity.id
_entity.type
_entity.pdbx_description
1 polymer 'Uncharacterized protein'
2 non-polymer 1,2-ETHANEDIOL
3 non-polymer 'SULFATE ION'
4 water water
#
_entity_poly.entity_id   1
_entity_poly.type   'polypeptide(L)'
_entity_poly.pdbx_seq_one_letter_code
;G(MSE)EAH(MSE)KSHNLLEAVRFDDQRFV(MSE)ELVHESENFKIVSFTFKAGQELPVHSHNIEGELNIVVLEGEGEF
VGDGDAVIPAPRGAVLVAPISTPHGVRAVTD(MSE)KVLVTIAPPI
;
_entity_poly.pdbx_strand_id   A,B,C,D,E,F,G,H
#
loop_
_chem_comp.id
_chem_comp.type
_chem_comp.name
_chem_comp.formula
EDO non-polymer 1,2-ETHANEDIOL 'C2 H6 O2'
SO4 non-polymer 'SULFATE ION' 'O4 S -2'
#
# COMPACT_ATOMS: atom_id res chain seq x y z
CA HIS A 5 2.50 -6.20 20.49
C HIS A 5 1.23 -5.49 20.99
N MSE A 6 1.36 -4.92 22.20
CA MSE A 6 0.34 -4.21 23.02
C MSE A 6 0.66 -4.56 24.49
O MSE A 6 0.73 -5.76 24.80
CB MSE A 6 -1.12 -4.55 22.71
CG MSE A 6 -2.11 -4.08 23.79
SE MSE A 6 -3.96 -4.04 23.24
CE MSE A 6 -3.98 -2.37 22.25
N LYS A 7 0.83 -3.56 25.35
CA LYS A 7 1.05 -3.82 26.78
CA LYS A 7 1.23 -3.77 26.75
C LYS A 7 0.83 -2.57 27.60
N SER A 8 0.51 -2.80 28.87
CA SER A 8 0.21 -1.71 29.79
C SER A 8 1.19 -1.73 30.97
N HIS A 9 1.36 -0.57 31.59
CA HIS A 9 2.23 -0.39 32.74
C HIS A 9 1.48 0.42 33.76
N ASN A 10 1.31 -0.13 34.96
CA ASN A 10 0.59 0.56 36.02
C ASN A 10 1.65 1.33 36.74
N LEU A 11 1.92 2.53 36.24
CA LEU A 11 3.04 3.33 36.72
C LEU A 11 2.92 3.86 38.14
N LEU A 12 1.71 3.89 38.70
CA LEU A 12 1.54 4.31 40.11
C LEU A 12 1.27 3.17 41.11
N GLU A 13 1.32 1.93 40.61
CA GLU A 13 1.07 0.76 41.41
C GLU A 13 2.17 0.55 42.44
N ALA A 14 3.41 0.85 42.08
CA ALA A 14 4.56 0.76 42.99
C ALA A 14 5.64 1.67 42.43
N VAL A 15 5.92 2.77 43.12
CA VAL A 15 6.91 3.73 42.65
C VAL A 15 8.24 3.46 43.36
N ARG A 16 9.34 3.87 42.71
CA ARG A 16 10.68 3.69 43.25
CA ARG A 16 10.68 3.69 43.23
C ARG A 16 11.30 5.06 43.52
N PHE A 17 11.74 5.28 44.76
CA PHE A 17 12.41 6.52 45.15
C PHE A 17 13.88 6.24 45.39
N ASP A 18 14.66 7.31 45.34
CA ASP A 18 16.09 7.29 45.69
C ASP A 18 16.27 8.62 46.45
N ASP A 19 16.72 8.57 47.70
CA ASP A 19 16.88 9.81 48.49
C ASP A 19 18.01 10.73 48.05
N GLN A 20 18.96 10.23 47.24
CA GLN A 20 20.11 11.04 46.79
CA GLN A 20 20.11 11.03 46.78
C GLN A 20 19.84 11.75 45.47
N ARG A 21 18.98 11.17 44.65
CA ARG A 21 18.65 11.78 43.36
C ARG A 21 17.40 11.15 42.77
N PHE A 22 16.84 11.76 41.72
CA PHE A 22 15.66 11.19 41.01
C PHE A 22 15.94 9.80 40.42
N VAL A 23 14.87 9.03 40.26
CA VAL A 23 14.92 7.71 39.67
C VAL A 23 14.35 7.84 38.26
N MSE A 24 15.07 7.29 37.29
CA MSE A 24 14.69 7.26 35.87
C MSE A 24 14.44 5.83 35.49
O MSE A 24 15.31 5.00 35.73
CB MSE A 24 15.83 7.82 35.02
CG MSE A 24 15.70 7.54 33.50
SE MSE A 24 17.02 8.56 32.52
CE MSE A 24 17.12 7.46 30.91
N GLU A 25 13.30 5.53 34.88
CA GLU A 25 12.98 4.15 34.46
C GLU A 25 12.47 4.13 33.03
N LEU A 26 13.01 3.23 32.21
CA LEU A 26 12.60 3.08 30.83
C LEU A 26 11.29 2.33 30.82
N VAL A 27 10.28 2.91 30.17
CA VAL A 27 8.97 2.30 30.08
C VAL A 27 8.89 1.59 28.74
N HIS A 28 9.26 2.29 27.69
CA HIS A 28 9.19 1.74 26.34
C HIS A 28 10.20 2.43 25.43
N GLU A 29 10.73 1.68 24.48
CA GLU A 29 11.55 2.26 23.45
C GLU A 29 11.37 1.47 22.15
N SER A 30 11.05 2.19 21.08
CA SER A 30 10.90 1.63 19.73
C SER A 30 11.40 2.66 18.75
N GLU A 31 11.28 2.33 17.48
CA GLU A 31 11.54 3.25 16.37
C GLU A 31 10.66 4.54 16.43
N ASN A 32 9.45 4.44 17.00
CA ASN A 32 8.45 5.51 17.01
C ASN A 32 8.58 6.51 18.16
N PHE A 33 8.79 6.00 19.37
CA PHE A 33 9.06 6.84 20.52
C PHE A 33 9.80 6.14 21.67
N LYS A 34 10.30 6.96 22.59
CA LYS A 34 10.92 6.51 23.83
C LYS A 34 10.04 7.07 24.92
N ILE A 35 9.70 6.23 25.88
CA ILE A 35 8.85 6.58 26.99
C ILE A 35 9.64 6.24 28.23
N VAL A 36 9.86 7.26 29.09
CA VAL A 36 10.60 7.11 30.34
CA VAL A 36 10.63 7.13 30.32
C VAL A 36 9.93 7.87 31.46
N SER A 37 10.00 7.31 32.67
CA SER A 37 9.42 7.92 33.83
C SER A 37 10.55 8.45 34.69
N PHE A 38 10.21 9.48 35.49
CA PHE A 38 11.11 10.09 36.47
C PHE A 38 10.33 10.19 37.76
N THR A 39 10.87 9.61 38.85
CA THR A 39 10.20 9.59 40.15
C THR A 39 11.09 10.40 41.09
N PHE A 40 10.47 11.37 41.74
CA PHE A 40 11.15 12.32 42.57
C PHE A 40 10.60 12.32 43.98
N LYS A 41 11.51 12.44 44.93
CA LYS A 41 11.15 12.81 46.29
C LYS A 41 11.01 14.32 46.21
N ALA A 42 10.21 14.88 47.11
CA ALA A 42 9.98 16.34 47.18
C ALA A 42 11.32 17.07 47.22
N GLY A 43 11.46 18.10 46.40
CA GLY A 43 12.69 18.88 46.31
C GLY A 43 13.72 18.38 45.31
N GLN A 44 13.54 17.15 44.78
CA GLN A 44 14.46 16.63 43.77
C GLN A 44 14.11 17.24 42.42
N GLU A 45 15.07 17.15 41.51
CA GLU A 45 14.96 17.80 40.23
C GLU A 45 15.67 17.06 39.13
N LEU A 46 15.07 17.08 37.95
CA LEU A 46 15.68 16.61 36.73
C LEU A 46 16.23 17.94 36.23
N PRO A 47 17.57 18.11 36.21
CA PRO A 47 18.11 19.38 35.80
C PRO A 47 17.75 19.77 34.36
N VAL A 48 17.71 21.07 34.13
CA VAL A 48 17.41 21.58 32.80
C VAL A 48 18.45 21.04 31.79
N HIS A 49 17.94 20.51 30.69
CA HIS A 49 18.80 20.00 29.63
C HIS A 49 18.04 20.00 28.30
N SER A 50 18.79 19.69 27.26
CA SER A 50 18.25 19.50 25.91
C SER A 50 19.20 18.60 25.15
N HIS A 51 18.71 18.04 24.05
CA HIS A 51 19.55 17.27 23.08
C HIS A 51 19.42 18.06 21.79
N ASN A 52 20.54 18.44 21.20
CA ASN A 52 20.57 19.25 19.98
C ASN A 52 20.19 18.43 18.74
N ILE A 53 18.90 18.06 18.67
CA ILE A 53 18.29 17.29 17.58
C ILE A 53 16.78 17.59 17.39
N GLU A 54 16.21 17.06 16.30
CA GLU A 54 14.81 17.24 15.93
C GLU A 54 13.90 16.36 16.77
N GLY A 55 12.63 16.72 16.79
CA GLY A 55 11.62 15.99 17.53
C GLY A 55 11.15 16.77 18.71
N GLU A 56 10.14 16.22 19.37
CA GLU A 56 9.53 16.82 20.55
C GLU A 56 9.38 15.86 21.72
N LEU A 57 9.14 16.40 22.90
CA LEU A 57 8.79 15.56 24.03
C LEU A 57 7.53 16.09 24.68
N ASN A 58 6.83 15.22 25.40
CA ASN A 58 5.77 15.69 26.27
C ASN A 58 6.09 15.12 27.65
N ILE A 59 5.84 15.90 28.69
CA ILE A 59 6.06 15.48 30.06
C ILE A 59 4.70 15.55 30.75
N VAL A 60 4.22 14.41 31.23
CA VAL A 60 2.91 14.34 31.88
C VAL A 60 3.10 14.10 33.37
N VAL A 61 2.49 14.94 34.22
CA VAL A 61 2.60 14.76 35.67
C VAL A 61 1.53 13.74 36.07
N LEU A 62 1.98 12.57 36.51
CA LEU A 62 1.10 11.47 36.92
C LEU A 62 0.66 11.59 38.34
N GLU A 63 1.56 12.03 39.20
CA GLU A 63 1.28 12.12 40.62
C GLU A 63 2.14 13.19 41.21
N GLY A 64 1.57 13.92 42.18
CA GLY A 64 2.27 14.98 42.87
C GLY A 64 2.25 16.27 42.11
N GLU A 65 2.97 17.25 42.66
CA GLU A 65 3.07 18.60 42.11
C GLU A 65 4.51 19.01 41.99
N GLY A 66 4.75 19.83 40.98
CA GLY A 66 6.07 20.34 40.73
C GLY A 66 6.04 21.54 39.81
N GLU A 67 7.16 21.71 39.12
CA GLU A 67 7.37 22.78 38.16
C GLU A 67 8.09 22.26 36.94
N PHE A 68 7.68 22.74 35.76
CA PHE A 68 8.43 22.50 34.52
C PHE A 68 9.43 23.63 34.50
N VAL A 69 10.70 23.30 34.38
CA VAL A 69 11.77 24.30 34.42
C VAL A 69 12.34 24.48 32.99
N GLY A 70 12.77 25.70 32.69
CA GLY A 70 13.35 26.00 31.37
C GLY A 70 14.56 26.88 31.46
N ASP A 71 14.82 27.54 30.33
CA ASP A 71 15.91 28.48 30.15
C ASP A 71 15.89 29.55 31.25
N GLY A 72 17.05 29.75 31.89
CA GLY A 72 17.22 30.72 32.98
C GLY A 72 16.55 30.36 34.29
N ASP A 73 16.25 29.07 34.46
CA ASP A 73 15.55 28.53 35.61
C ASP A 73 14.09 29.05 35.70
N ALA A 74 13.52 29.44 34.56
CA ALA A 74 12.15 29.97 34.50
C ALA A 74 11.21 28.78 34.69
N VAL A 75 10.11 28.97 35.45
CA VAL A 75 9.23 27.83 35.79
C VAL A 75 7.77 27.98 35.41
N ILE A 76 7.15 26.84 35.10
CA ILE A 76 5.73 26.73 34.79
C ILE A 76 5.19 25.75 35.84
N PRO A 77 4.15 26.13 36.60
CA PRO A 77 3.61 25.18 37.58
C PRO A 77 3.18 23.89 36.90
N ALA A 78 3.47 22.78 37.53
CA ALA A 78 3.22 21.47 36.97
C ALA A 78 2.38 20.67 37.98
N PRO A 79 1.09 21.03 38.11
CA PRO A 79 0.24 20.27 38.99
C PRO A 79 -0.01 18.88 38.40
N ARG A 80 -0.60 18.00 39.19
CA ARG A 80 -0.90 16.64 38.72
C ARG A 80 -1.76 16.74 37.48
N GLY A 81 -1.43 15.96 36.46
CA GLY A 81 -2.17 15.99 35.22
C GLY A 81 -1.73 17.06 34.24
N ALA A 82 -0.75 17.89 34.60
CA ALA A 82 -0.22 18.91 33.69
C ALA A 82 0.65 18.21 32.68
N VAL A 83 0.67 18.73 31.46
CA VAL A 83 1.51 18.21 30.38
C VAL A 83 2.28 19.35 29.76
N LEU A 84 3.59 19.18 29.63
CA LEU A 84 4.47 20.13 28.97
C LEU A 84 4.77 19.51 27.63
N VAL A 85 4.71 20.30 26.54
CA VAL A 85 5.13 19.86 25.21
C VAL A 85 6.23 20.81 24.77
N ALA A 86 7.33 20.26 24.27
CA ALA A 86 8.46 21.05 23.87
C ALA A 86 9.34 20.34 22.87
N PRO A 87 10.04 21.11 22.02
CA PRO A 87 11.08 20.50 21.20
C PRO A 87 12.17 19.90 22.14
N ILE A 88 12.74 18.78 21.72
CA ILE A 88 13.82 18.12 22.45
C ILE A 88 15.05 19.05 22.65
N SER A 89 15.28 19.92 21.65
CA SER A 89 16.35 20.90 21.67
C SER A 89 16.09 22.09 22.60
N THR A 90 14.84 22.29 23.05
CA THR A 90 14.49 23.39 23.97
C THR A 90 14.81 22.98 25.41
N PRO A 91 15.62 23.78 26.15
CA PRO A 91 15.97 23.43 27.52
C PRO A 91 14.75 23.15 28.37
N HIS A 92 14.72 21.95 28.96
CA HIS A 92 13.61 21.53 29.82
C HIS A 92 14.15 20.76 31.02
N GLY A 93 13.42 20.88 32.11
CA GLY A 93 13.76 20.22 33.35
C GLY A 93 12.52 20.14 34.17
N VAL A 94 12.61 19.40 35.28
CA VAL A 94 11.46 19.20 36.16
C VAL A 94 11.93 19.30 37.61
N ARG A 95 11.18 20.03 38.45
CA ARG A 95 11.46 20.19 39.86
C ARG A 95 10.24 19.69 40.62
N ALA A 96 10.45 18.80 41.60
CA ALA A 96 9.37 18.27 42.39
C ALA A 96 9.18 19.13 43.64
N VAL A 97 7.95 19.61 43.85
CA VAL A 97 7.58 20.33 45.08
C VAL A 97 7.18 19.26 46.12
N THR A 98 6.31 18.33 45.72
CA THR A 98 5.92 17.19 46.54
C THR A 98 6.60 15.98 45.92
N ASP A 99 6.42 14.81 46.54
CA ASP A 99 6.88 13.54 45.89
C ASP A 99 6.10 13.48 44.57
N MSE A 100 6.78 13.15 43.49
CA MSE A 100 6.22 13.32 42.17
C MSE A 100 6.70 12.30 41.18
O MSE A 100 7.86 11.86 41.24
CB MSE A 100 6.64 14.69 41.67
CG MSE A 100 5.95 15.23 40.46
SE MSE A 100 6.95 16.73 39.78
CE MSE A 100 8.14 15.83 38.69
N LYS A 101 5.81 11.89 40.28
CA LYS A 101 6.20 11.04 39.17
C LYS A 101 5.66 11.65 37.88
N VAL A 102 6.54 11.64 36.87
CA VAL A 102 6.20 12.11 35.53
C VAL A 102 6.54 11.07 34.49
N LEU A 103 5.87 11.16 33.33
CA LEU A 103 6.10 10.29 32.20
C LEU A 103 6.52 11.16 31.04
N VAL A 104 7.61 10.81 30.40
CA VAL A 104 8.13 11.54 29.28
C VAL A 104 8.04 10.66 28.05
N THR A 105 7.47 11.20 26.98
CA THR A 105 7.37 10.55 25.66
C THR A 105 8.12 11.46 24.69
N ILE A 106 9.09 10.88 24.00
CA ILE A 106 10.00 11.57 23.09
C ILE A 106 9.81 10.97 21.71
N ALA A 107 9.49 11.80 20.70
CA ALA A 107 9.24 11.35 19.31
C ALA A 107 9.80 12.33 18.27
N PRO A 108 10.63 11.85 17.32
CA PRO A 108 11.21 10.51 17.25
C PRO A 108 12.15 10.28 18.46
N PRO A 109 12.51 9.02 18.76
CA PRO A 109 13.39 8.78 19.92
C PRO A 109 14.85 9.24 19.65
N ILE A 110 15.57 9.61 20.72
CA ILE A 110 16.96 10.10 20.62
C ILE A 110 17.94 8.93 20.41
N MSE B 6 8.05 25.24 26.26
CA MSE B 6 7.36 25.83 25.08
C MSE B 6 5.87 26.07 25.38
O MSE B 6 5.38 27.18 25.23
CB MSE B 6 7.54 24.94 23.84
CG MSE B 6 6.83 25.36 22.52
SE MSE B 6 7.35 27.07 21.74
CE MSE B 6 6.40 26.95 20.03
N LYS B 7 5.16 25.03 25.82
CA LYS B 7 3.72 25.16 26.12
C LYS B 7 3.27 24.03 27.03
N SER B 8 2.54 24.38 28.09
CA SER B 8 2.03 23.40 29.03
C SER B 8 0.49 23.51 29.08
N HIS B 9 -0.13 22.42 29.50
CA HIS B 9 -1.58 22.30 29.59
C HIS B 9 -1.91 21.61 30.90
N ASN B 10 -2.70 22.24 31.77
CA ASN B 10 -3.16 21.64 33.03
C ASN B 10 -4.44 20.89 32.69
N LEU B 11 -4.27 19.62 32.32
CA LEU B 11 -5.38 18.81 31.82
C LEU B 11 -6.44 18.45 32.85
N LEU B 12 -6.14 18.60 34.14
CA LEU B 12 -7.13 18.36 35.21
C LEU B 12 -7.77 19.67 35.76
N GLU B 13 -7.59 20.76 35.03
CA GLU B 13 -8.19 22.05 35.33
C GLU B 13 -9.33 22.20 34.29
N ALA B 14 -10.48 22.72 34.71
CA ALA B 14 -11.62 22.90 33.78
C ALA B 14 -11.92 21.67 32.87
N VAL B 15 -11.96 20.50 33.49
CA VAL B 15 -12.22 19.23 32.78
C VAL B 15 -13.65 19.32 32.20
N ARG B 16 -13.82 18.89 30.96
CA ARG B 16 -15.10 18.97 30.25
C ARG B 16 -15.63 17.58 29.99
N PHE B 17 -16.85 17.34 30.46
CA PHE B 17 -17.59 16.10 30.21
C PHE B 17 -18.81 16.42 29.35
N ASP B 18 -19.34 15.38 28.72
CA ASP B 18 -20.53 15.51 27.91
C ASP B 18 -21.36 14.30 28.30
N ASP B 19 -22.63 14.53 28.62
CA ASP B 19 -23.54 13.45 29.00
C ASP B 19 -23.81 12.45 27.89
N GLN B 20 -23.73 12.91 26.64
CA GLN B 20 -24.06 12.10 25.47
C GLN B 20 -22.93 11.34 24.80
N ARG B 21 -21.70 11.83 24.95
CA ARG B 21 -20.54 11.22 24.32
C ARG B 21 -19.26 11.66 24.98
N PHE B 22 -18.18 10.91 24.76
CA PHE B 22 -16.88 11.28 25.30
C PHE B 22 -16.46 12.62 24.68
N VAL B 23 -15.60 13.36 25.40
CA VAL B 23 -15.12 14.66 24.94
C VAL B 23 -13.69 14.43 24.50
N MSE B 24 -13.40 14.75 23.23
CA MSE B 24 -12.05 14.66 22.68
C MSE B 24 -11.55 16.09 22.55
O MSE B 24 -12.30 16.96 22.06
CB MSE B 24 -12.09 14.00 21.33
CG MSE B 24 -10.74 13.67 20.76
SE MSE B 24 -10.92 13.04 18.92
CE MSE B 24 -12.43 11.82 18.88
N GLU B 25 -10.33 16.35 22.98
CA GLU B 25 -9.72 17.70 22.91
C GLU B 25 -8.30 17.54 22.40
N LEU B 26 -7.94 18.28 21.37
CA LEU B 26 -6.59 18.26 20.81
C LEU B 26 -5.68 19.02 21.78
N VAL B 27 -4.60 18.40 22.20
CA VAL B 27 -3.61 19.05 23.08
C VAL B 27 -2.50 19.61 22.23
N HIS B 28 -2.01 18.79 21.30
CA HIS B 28 -0.88 19.18 20.47
C HIS B 28 -0.85 18.35 19.20
N GLU B 29 -0.48 18.97 18.11
CA GLU B 29 -0.31 18.28 16.86
C GLU B 29 0.88 18.86 16.14
N SER B 30 1.77 17.98 15.69
CA SER B 30 2.93 18.35 14.89
C SER B 30 3.28 17.17 13.99
N GLU B 31 4.36 17.34 13.25
CA GLU B 31 4.92 16.26 12.43
C GLU B 31 5.42 15.06 13.28
N ASN B 32 5.79 15.32 14.54
CA ASN B 32 6.37 14.32 15.44
C ASN B 32 5.40 13.45 16.18
N PHE B 33 4.33 14.06 16.65
CA PHE B 33 3.25 13.35 17.29
C PHE B 33 1.97 14.20 17.42
N LYS B 34 0.86 13.50 17.62
CA LYS B 34 -0.42 14.10 17.87
C LYS B 34 -0.76 13.70 19.31
N ILE B 35 -1.20 14.69 20.10
CA ILE B 35 -1.52 14.52 21.50
C ILE B 35 -2.95 15.03 21.64
N VAL B 36 -3.79 14.13 22.14
CA VAL B 36 -5.22 14.34 22.31
C VAL B 36 -5.67 13.81 23.66
N SER B 37 -6.59 14.50 24.31
CA SER B 37 -7.17 14.03 25.56
C SER B 37 -8.59 13.51 25.26
N PHE B 38 -9.03 12.52 26.02
CA PHE B 38 -10.41 12.00 25.97
C PHE B 38 -10.94 12.02 27.41
N THR B 39 -12.15 12.56 27.61
CA THR B 39 -12.78 12.70 28.92
C THR B 39 -14.08 11.98 28.86
N PHE B 40 -14.23 11.02 29.76
CA PHE B 40 -15.35 10.14 29.78
C PHE B 40 -16.10 10.24 31.09
N LYS B 41 -17.43 10.24 30.99
CA LYS B 41 -18.24 9.97 32.16
C LYS B 41 -18.15 8.44 32.32
N ALA B 42 -18.30 7.95 33.54
CA ALA B 42 -18.35 6.52 33.86
C ALA B 42 -19.27 5.80 32.90
N GLY B 43 -18.77 4.76 32.24
CA GLY B 43 -19.54 3.97 31.28
C GLY B 43 -19.31 4.35 29.83
N GLN B 44 -18.83 5.57 29.54
CA GLN B 44 -18.53 5.97 28.17
C GLN B 44 -17.28 5.25 27.70
N GLU B 45 -17.12 5.23 26.40
CA GLU B 45 -16.10 4.47 25.76
C GLU B 45 -15.59 5.11 24.47
N LEU B 46 -14.30 4.90 24.22
CA LEU B 46 -13.66 5.24 22.98
C LEU B 46 -13.66 3.87 22.29
N PRO B 47 -14.48 3.69 21.23
CA PRO B 47 -14.59 2.36 20.59
C PRO B 47 -13.26 1.85 20.09
N VAL B 48 -13.10 0.53 20.16
CA VAL B 48 -11.91 -0.15 19.70
C VAL B 48 -11.75 0.19 18.22
N HIS B 49 -10.54 0.57 17.86
CA HIS B 49 -10.23 0.93 16.52
C HIS B 49 -8.79 0.68 16.22
N SER B 50 -8.46 0.77 14.94
CA SER B 50 -7.10 0.62 14.43
C SER B 50 -6.98 1.21 13.04
N HIS B 51 -5.75 1.54 12.65
CA HIS B 51 -5.41 2.04 11.30
C HIS B 51 -4.25 1.18 10.84
N ASN B 52 -4.31 0.69 9.61
CA ASN B 52 -3.28 -0.18 9.05
C ASN B 52 -2.10 0.63 8.53
N ILE B 53 -1.34 1.16 9.50
CA ILE B 53 -0.17 1.97 9.23
C ILE B 53 0.81 1.72 10.39
N GLU B 54 2.10 1.87 10.10
CA GLU B 54 3.14 1.74 11.13
C GLU B 54 3.04 2.93 12.11
N GLY B 55 3.50 2.69 13.33
CA GLY B 55 3.48 3.68 14.37
C GLY B 55 2.89 3.07 15.60
N GLU B 56 2.98 3.83 16.69
CA GLU B 56 2.45 3.43 17.97
C GLU B 56 1.71 4.59 18.62
N LEU B 57 0.92 4.22 19.61
CA LEU B 57 0.27 5.21 20.46
C LEU B 57 0.52 4.80 21.89
N ASN B 58 0.45 5.77 22.80
CA ASN B 58 0.41 5.44 24.22
C ASN B 58 -0.83 6.13 24.80
N ILE B 59 -1.48 5.50 25.78
CA ILE B 59 -2.66 6.07 26.41
C ILE B 59 -2.33 6.10 27.89
N VAL B 60 -2.37 7.29 28.48
CA VAL B 60 -2.03 7.53 29.89
C VAL B 60 -3.30 7.93 30.61
N VAL B 61 -3.59 7.25 31.71
CA VAL B 61 -4.77 7.54 32.52
C VAL B 61 -4.38 8.63 33.53
N LEU B 62 -4.94 9.83 33.34
CA LEU B 62 -4.63 10.97 34.20
C LEU B 62 -5.47 11.00 35.45
N GLU B 63 -6.72 10.57 35.32
CA GLU B 63 -7.70 10.65 36.42
C GLU B 63 -8.73 9.57 36.20
N GLY B 64 -9.17 8.98 37.31
CA GLY B 64 -10.17 7.95 37.27
C GLY B 64 -9.59 6.62 36.93
N GLU B 65 -10.51 5.70 36.62
CA GLU B 65 -10.20 4.33 36.32
C GLU B 65 -11.03 3.84 35.17
N GLY B 66 -10.38 3.00 34.37
CA GLY B 66 -11.02 2.37 33.26
C GLY B 66 -10.38 1.05 32.89
N GLU B 67 -10.58 0.74 31.61
CA GLU B 67 -10.08 -0.47 30.98
C GLU B 67 -9.56 -0.09 29.63
N PHE B 68 -8.40 -0.61 29.28
CA PHE B 68 -7.92 -0.54 27.90
C PHE B 68 -8.62 -1.69 27.24
N VAL B 69 -9.16 -1.47 26.07
CA VAL B 69 -9.97 -2.49 25.35
C VAL B 69 -9.27 -2.82 24.05
N GLY B 70 -9.25 -4.12 23.72
CA GLY B 70 -8.63 -4.63 22.52
C GLY B 70 -9.55 -5.50 21.68
N ASP B 71 -8.93 -6.33 20.84
CA ASP B 71 -9.67 -7.20 19.94
C ASP B 71 -10.55 -8.17 20.76
N GLY B 72 -11.78 -8.38 20.27
CA GLY B 72 -12.76 -9.25 20.90
C GLY B 72 -13.32 -8.70 22.20
N ASP B 73 -13.18 -7.40 22.42
CA ASP B 73 -13.58 -6.73 23.65
C ASP B 73 -12.73 -7.14 24.87
N ALA B 74 -11.51 -7.67 24.64
CA ALA B 74 -10.61 -8.07 25.72
C ALA B 74 -10.15 -6.79 26.43
N VAL B 75 -10.03 -6.88 27.74
CA VAL B 75 -9.73 -5.75 28.58
C VAL B 75 -8.46 -5.91 29.42
N ILE B 76 -7.81 -4.76 29.67
CA ILE B 76 -6.66 -4.64 30.56
C ILE B 76 -7.07 -3.53 31.53
N PRO B 77 -7.10 -3.81 32.85
CA PRO B 77 -7.41 -2.76 33.82
C PRO B 77 -6.51 -1.52 33.64
N ALA B 78 -7.12 -0.34 33.74
CA ALA B 78 -6.43 0.91 33.46
C ALA B 78 -6.69 1.80 34.65
N PRO B 79 -5.96 1.55 35.75
CA PRO B 79 -6.11 2.42 36.93
C PRO B 79 -5.42 3.76 36.63
N ARG B 80 -5.66 4.75 37.47
CA ARG B 80 -5.00 6.04 37.31
C ARG B 80 -3.48 5.81 37.28
N GLY B 81 -2.82 6.43 36.30
CA GLY B 81 -1.38 6.32 36.11
C GLY B 81 -0.95 5.17 35.23
N ALA B 82 -1.89 4.37 34.74
CA ALA B 82 -1.61 3.27 33.84
C ALA B 82 -1.27 3.85 32.45
N VAL B 83 -0.36 3.19 31.75
CA VAL B 83 -0.01 3.58 30.40
C VAL B 83 -0.12 2.35 29.52
N LEU B 84 -0.87 2.47 28.43
CA LEU B 84 -0.97 1.46 27.41
C LEU B 84 -0.07 1.92 26.28
N VAL B 85 0.76 1.01 25.77
CA VAL B 85 1.53 1.28 24.55
C VAL B 85 1.08 0.21 23.57
N ALA B 86 0.76 0.61 22.34
CA ALA B 86 0.30 -0.33 21.34
C ALA B 86 0.55 0.16 19.93
N PRO B 87 0.69 -0.80 18.99
CA PRO B 87 0.74 -0.38 17.62
C PRO B 87 -0.56 0.28 17.23
N ILE B 88 -0.47 1.28 16.34
CA ILE B 88 -1.68 1.95 15.78
C ILE B 88 -2.57 0.91 15.04
N SER B 89 -1.94 -0.11 14.46
CA SER B 89 -2.62 -1.21 13.73
C SER B 89 -3.24 -2.31 14.61
N THR B 90 -2.99 -2.29 15.91
CA THR B 90 -3.57 -3.23 16.87
C THR B 90 -4.85 -2.61 17.40
N PRO B 91 -5.99 -3.33 17.32
CA PRO B 91 -7.25 -2.76 17.83
C PRO B 91 -7.10 -2.26 19.27
N HIS B 92 -7.50 -1.03 19.52
CA HIS B 92 -7.38 -0.42 20.84
C HIS B 92 -8.53 0.56 21.08
N GLY B 93 -9.05 0.51 22.31
CA GLY B 93 -10.13 1.39 22.78
C GLY B 93 -9.92 1.61 24.28
N VAL B 94 -10.83 2.38 24.85
CA VAL B 94 -10.80 2.75 26.24
C VAL B 94 -12.24 2.75 26.73
N ARG B 95 -12.47 2.14 27.88
CA ARG B 95 -13.77 2.14 28.56
C ARG B 95 -13.55 2.74 29.94
N ALA B 96 -14.38 3.72 30.32
CA ALA B 96 -14.33 4.35 31.64
C ALA B 96 -15.23 3.60 32.63
N VAL B 97 -14.68 3.22 33.78
CA VAL B 97 -15.41 2.56 34.89
C VAL B 97 -15.92 3.70 35.76
N THR B 98 -15.01 4.61 36.13
CA THR B 98 -15.35 5.87 36.79
C THR B 98 -15.21 6.97 35.75
N ASP B 99 -15.62 8.19 36.13
CA ASP B 99 -15.33 9.37 35.31
C ASP B 99 -13.82 9.34 35.10
N MSE B 100 -13.37 9.55 33.87
CA MSE B 100 -11.97 9.33 33.53
C MSE B 100 -11.48 10.28 32.46
O MSE B 100 -12.25 10.67 31.59
CB MSE B 100 -11.85 7.90 33.00
CG MSE B 100 -10.43 7.35 32.69
SE MSE B 100 -10.72 5.70 31.70
CE MSE B 100 -8.97 4.92 31.69
N LYS B 101 -10.21 10.62 32.55
CA LYS B 101 -9.57 11.41 31.55
C LYS B 101 -8.23 10.75 31.21
N VAL B 102 -7.99 10.59 29.92
CA VAL B 102 -6.77 9.99 29.40
C VAL B 102 -6.12 10.92 28.40
N LEU B 103 -4.81 10.73 28.25
CA LEU B 103 -4.00 11.47 27.29
C LEU B 103 -3.42 10.46 26.33
N VAL B 104 -3.60 10.70 25.03
CA VAL B 104 -3.13 9.81 24.00
C VAL B 104 -2.11 10.52 23.14
N THR B 105 -0.94 9.90 22.98
CA THR B 105 0.13 10.41 22.13
C THR B 105 0.29 9.40 21.02
N ILE B 106 0.28 9.86 19.77
CA ILE B 106 0.37 9.01 18.57
C ILE B 106 1.60 9.42 17.78
N ALA B 107 2.48 8.47 17.48
CA ALA B 107 3.76 8.72 16.84
C ALA B 107 4.12 7.59 15.84
N PRO B 108 4.29 7.92 14.54
CA PRO B 108 4.05 9.23 13.91
C PRO B 108 2.54 9.49 13.85
N PRO B 109 2.12 10.76 13.71
CA PRO B 109 0.69 11.03 13.64
C PRO B 109 0.11 10.51 12.32
N ILE B 110 -1.12 10.05 12.31
CA ILE B 110 -1.73 9.50 11.08
C ILE B 110 -2.02 10.66 10.07
N MSE C 6 17.60 -29.35 -4.39
CA MSE C 6 17.45 -28.20 -3.43
C MSE C 6 17.87 -28.55 -2.00
O MSE C 6 18.10 -29.71 -1.66
CB MSE C 6 16.00 -27.69 -3.40
CG MSE C 6 14.94 -28.71 -2.95
SE MSE C 6 14.25 -29.70 -4.44
CE MSE C 6 13.19 -28.22 -5.19
N LYS C 7 17.97 -27.52 -1.17
CA LYS C 7 18.35 -27.67 0.23
C LYS C 7 18.01 -26.39 0.94
N SER C 8 17.46 -26.53 2.15
CA SER C 8 17.08 -25.41 2.99
C SER C 8 17.91 -25.43 4.28
N HIS C 9 18.04 -24.24 4.86
CA HIS C 9 18.76 -24.02 6.11
C HIS C 9 17.83 -23.07 6.89
N ASN C 10 17.44 -23.47 8.10
CA ASN C 10 16.61 -22.68 9.00
C ASN C 10 17.56 -21.87 9.87
N LEU C 11 17.91 -20.69 9.37
CA LEU C 11 18.96 -19.87 9.97
C LEU C 11 18.66 -19.26 11.33
N LEU C 12 17.38 -19.16 11.71
CA LEU C 12 16.98 -18.67 13.03
C LEU C 12 16.53 -19.78 14.00
N GLU C 13 16.62 -21.05 13.59
CA GLU C 13 16.19 -22.18 14.42
C GLU C 13 17.09 -22.42 15.64
N ALA C 14 18.40 -22.40 15.42
CA ALA C 14 19.39 -22.65 16.47
C ALA C 14 20.64 -21.82 16.21
N VAL C 15 20.54 -20.53 16.53
CA VAL C 15 21.64 -19.60 16.26
C VAL C 15 22.84 -19.87 17.16
N ARG C 16 24.04 -19.55 16.65
CA ARG C 16 25.29 -19.72 17.37
C ARG C 16 25.89 -18.35 17.61
N PHE C 17 26.22 -18.09 18.87
CA PHE C 17 26.88 -16.86 19.27
C PHE C 17 28.30 -17.14 19.72
N ASP C 18 29.08 -16.07 19.77
CA ASP C 18 30.45 -16.14 20.27
C ASP C 18 30.75 -14.80 20.96
N ASP C 19 31.15 -14.88 22.23
CA ASP C 19 31.45 -13.72 23.06
C ASP C 19 32.66 -12.93 22.57
N GLN C 20 33.66 -13.63 22.03
CA GLN C 20 34.92 -13.04 21.57
C GLN C 20 34.87 -12.39 20.20
N ARG C 21 34.00 -12.91 19.33
CA ARG C 21 33.96 -12.45 17.94
C ARG C 21 32.68 -12.86 17.26
N PHE C 22 32.34 -12.22 16.14
CA PHE C 22 31.17 -12.62 15.37
C PHE C 22 31.35 -14.06 14.85
N VAL C 23 30.24 -14.76 14.63
CA VAL C 23 30.25 -16.13 14.14
C VAL C 23 30.01 -16.05 12.63
N MSE C 24 30.84 -16.72 11.85
CA MSE C 24 30.66 -16.79 10.40
C MSE C 24 30.33 -18.24 10.08
O MSE C 24 30.93 -19.13 10.63
CB MSE C 24 31.91 -16.35 9.68
CG MSE C 24 31.78 -16.34 8.18
SE MSE C 24 33.46 -15.74 7.46
CE MSE C 24 34.56 -17.29 7.85
N GLU C 25 29.35 -18.46 9.23
CA GLU C 25 28.91 -19.81 8.89
C GLU C 25 28.58 -19.89 7.40
N LEU C 26 29.28 -20.77 6.69
CA LEU C 26 29.04 -21.01 5.28
C LEU C 26 27.70 -21.69 5.13
N VAL C 27 26.80 -21.07 4.35
CA VAL C 27 25.47 -21.66 4.05
C VAL C 27 25.50 -22.43 2.72
N HIS C 28 26.15 -21.86 1.71
CA HIS C 28 26.21 -22.49 0.40
C HIS C 28 27.37 -21.93 -0.40
N GLU C 29 28.03 -22.76 -1.18
CA GLU C 29 29.08 -22.27 -2.08
C GLU C 29 29.02 -23.09 -3.35
N SER C 30 28.92 -22.39 -4.48
CA SER C 30 28.87 -23.00 -5.81
C SER C 30 29.54 -22.00 -6.73
N GLU C 31 29.61 -22.35 -8.02
CA GLU C 31 30.11 -21.46 -9.08
C GLU C 31 29.28 -20.17 -9.23
N ASN C 32 28.00 -20.25 -8.90
CA ASN C 32 27.05 -19.15 -9.08
C ASN C 32 27.05 -18.09 -8.00
N PHE C 33 27.18 -18.54 -6.77
CA PHE C 33 27.24 -17.64 -5.62
C PHE C 33 27.78 -18.30 -4.36
N LYS C 34 28.15 -17.46 -3.38
CA LYS C 34 28.58 -17.93 -2.06
C LYS C 34 27.61 -17.29 -1.10
N ILE C 35 27.05 -18.09 -0.20
CA ILE C 35 26.09 -17.60 0.79
C ILE C 35 26.67 -17.91 2.16
N VAL C 36 26.79 -16.87 2.98
CA VAL C 36 27.36 -16.98 4.32
CA VAL C 36 27.39 -16.94 4.31
C VAL C 36 26.54 -16.14 5.30
N SER C 37 26.41 -16.64 6.52
CA SER C 37 25.71 -15.92 7.56
C SER C 37 26.71 -15.46 8.58
N PHE C 38 26.37 -14.35 9.23
CA PHE C 38 27.17 -13.79 10.32
C PHE C 38 26.21 -13.58 11.47
N THR C 39 26.58 -14.04 12.66
CA THR C 39 25.77 -13.89 13.87
C THR C 39 26.57 -13.08 14.86
N PHE C 40 25.92 -12.04 15.35
CA PHE C 40 26.53 -11.07 16.24
C PHE C 40 25.81 -10.92 17.54
N LYS C 41 26.62 -10.76 18.59
CA LYS C 41 26.13 -10.32 19.87
CA LYS C 41 26.12 -10.31 19.87
C LYS C 41 26.09 -8.79 19.75
N ALA C 42 25.20 -8.16 20.50
CA ALA C 42 25.06 -6.68 20.49
C ALA C 42 26.45 -6.08 20.70
N GLY C 43 26.79 -5.12 19.86
CA GLY C 43 28.11 -4.49 19.90
C GLY C 43 29.15 -5.07 18.95
N GLN C 44 28.94 -6.31 18.48
CA GLN C 44 29.89 -6.95 17.58
C GLN C 44 29.83 -6.36 16.17
N GLU C 45 30.91 -6.55 15.42
CA GLU C 45 31.05 -5.90 14.14
C GLU C 45 31.84 -6.72 13.13
N LEU C 46 31.33 -6.74 11.89
CA LEU C 46 32.01 -7.33 10.75
C LEU C 46 32.76 -6.11 10.18
N PRO C 47 34.11 -6.09 10.30
CA PRO C 47 34.80 -4.87 9.87
C PRO C 47 34.60 -4.57 8.38
N VAL C 48 34.59 -3.27 8.07
CA VAL C 48 34.45 -2.79 6.71
C VAL C 48 35.53 -3.43 5.88
N HIS C 49 35.12 -4.07 4.79
CA HIS C 49 36.05 -4.73 3.90
C HIS C 49 35.61 -4.73 2.44
N SER C 50 36.54 -5.03 1.56
CA SER C 50 36.27 -5.16 0.11
C SER C 50 37.31 -6.01 -0.61
N HIS C 51 36.96 -6.41 -1.84
CA HIS C 51 37.88 -7.12 -2.76
C HIS C 51 37.76 -6.41 -4.09
N ASN C 52 38.88 -6.06 -4.72
CA ASN C 52 38.86 -5.31 -6.00
C ASN C 52 38.69 -6.29 -7.15
N ILE C 53 37.48 -6.85 -7.21
CA ILE C 53 37.08 -7.80 -8.24
C ILE C 53 35.61 -7.48 -8.59
N GLU C 54 35.19 -7.89 -9.77
CA GLU C 54 33.84 -7.64 -10.25
C GLU C 54 32.83 -8.51 -9.53
N GLY C 55 31.67 -7.93 -9.30
CA GLY C 55 30.58 -8.59 -8.61
C GLY C 55 29.93 -7.73 -7.59
N GLU C 56 28.83 -8.26 -7.05
CA GLU C 56 28.09 -7.62 -5.99
C GLU C 56 27.78 -8.60 -4.91
N LEU C 57 27.35 -8.04 -3.80
CA LEU C 57 26.87 -8.82 -2.71
C LEU C 57 25.60 -8.19 -2.20
N ASN C 58 24.80 -8.99 -1.52
CA ASN C 58 23.67 -8.43 -0.78
C ASN C 58 23.79 -8.93 0.68
N ILE C 59 23.36 -8.11 1.62
CA ILE C 59 23.39 -8.46 3.04
C ILE C 59 21.95 -8.25 3.51
N VAL C 60 21.30 -9.32 3.96
CA VAL C 60 19.93 -9.28 4.43
C VAL C 60 19.91 -9.46 5.94
N VAL C 61 19.25 -8.55 6.67
CA VAL C 61 19.15 -8.68 8.12
C VAL C 61 17.98 -9.62 8.45
N LEU C 62 18.33 -10.78 9.01
CA LEU C 62 17.35 -11.80 9.35
C LEU C 62 16.73 -11.57 10.71
N GLU C 63 17.52 -11.10 11.65
CA GLU C 63 17.06 -10.91 13.04
C GLU C 63 17.90 -9.84 13.68
N GLY C 64 17.29 -9.05 14.55
CA GLY C 64 17.99 -7.99 15.23
C GLY C 64 18.10 -6.74 14.39
N GLU C 65 18.89 -5.81 14.89
CA GLU C 65 19.07 -4.52 14.28
C GLU C 65 20.50 -4.11 14.34
N GLY C 66 20.93 -3.40 13.31
CA GLY C 66 22.27 -2.89 13.26
C GLY C 66 22.41 -1.74 12.28
N GLU C 67 23.59 -1.67 11.70
CA GLU C 67 23.97 -0.66 10.74
C GLU C 67 24.85 -1.29 9.67
N PHE C 68 24.64 -0.90 8.42
CA PHE C 68 25.55 -1.21 7.33
C PHE C 68 26.60 -0.09 7.40
N VAL C 69 27.86 -0.46 7.43
CA VAL C 69 28.98 0.48 7.59
C VAL C 69 29.73 0.54 6.24
N GLY C 70 30.12 1.76 5.88
CA GLY C 70 30.83 2.03 4.64
C GLY C 70 32.14 2.72 4.94
N ASP C 71 32.72 3.31 3.90
CA ASP C 71 33.99 4.04 4.02
C ASP C 71 33.78 5.24 4.95
N GLY C 72 34.81 5.56 5.73
CA GLY C 72 34.76 6.65 6.72
C GLY C 72 33.81 6.45 7.88
N ASP C 73 33.40 5.19 8.11
CA ASP C 73 32.48 4.81 9.16
C ASP C 73 31.04 5.38 8.95
N ALA C 74 30.70 5.70 7.70
CA ALA C 74 29.37 6.17 7.34
C ALA C 74 28.42 5.01 7.52
N VAL C 75 27.22 5.28 8.02
CA VAL C 75 26.28 4.22 8.33
C VAL C 75 24.93 4.37 7.67
N ILE C 76 24.32 3.23 7.38
CA ILE C 76 22.94 3.17 6.91
C ILE C 76 22.25 2.28 7.93
N PRO C 77 21.15 2.74 8.56
CA PRO C 77 20.47 1.83 9.49
C PRO C 77 20.08 0.50 8.83
N ALA C 78 20.26 -0.59 9.57
CA ALA C 78 20.05 -1.95 9.11
C ALA C 78 19.02 -2.64 10.04
N PRO C 79 17.74 -2.22 9.95
CA PRO C 79 16.70 -2.84 10.78
C PRO C 79 16.44 -4.26 10.26
N ARG C 80 15.69 -5.05 11.00
CA ARG C 80 15.36 -6.38 10.57
C ARG C 80 14.68 -6.30 9.20
N GLY C 81 15.09 -7.18 8.29
CA GLY C 81 14.53 -7.20 6.94
C GLY C 81 15.18 -6.26 5.93
N ALA C 82 16.14 -5.43 6.35
CA ALA C 82 16.85 -4.54 5.42
C ALA C 82 17.79 -5.37 4.59
N VAL C 83 17.95 -4.97 3.33
CA VAL C 83 18.89 -5.59 2.40
C VAL C 83 19.80 -4.50 1.84
N LEU C 84 21.11 -4.70 2.00
CA LEU C 84 22.13 -3.82 1.44
C LEU C 84 22.56 -4.52 0.16
N VAL C 85 22.66 -3.78 -0.93
CA VAL C 85 23.22 -4.29 -2.16
C VAL C 85 24.38 -3.35 -2.51
N ALA C 86 25.55 -3.93 -2.70
CA ALA C 86 26.75 -3.16 -2.95
C ALA C 86 27.74 -3.91 -3.83
N PRO C 87 28.60 -3.17 -4.55
CA PRO C 87 29.67 -3.87 -5.26
C PRO C 87 30.61 -4.55 -4.25
N ILE C 88 31.15 -5.70 -4.63
CA ILE C 88 32.17 -6.40 -3.84
C ILE C 88 33.36 -5.45 -3.52
N SER C 89 33.68 -4.57 -4.48
CA SER C 89 34.79 -3.63 -4.35
C SER C 89 34.51 -2.37 -3.53
N THR C 90 33.26 -2.15 -3.14
CA THR C 90 32.90 -1.02 -2.31
C THR C 90 33.04 -1.47 -0.86
N PRO C 91 33.86 -0.78 -0.04
CA PRO C 91 34.00 -1.12 1.37
C PRO C 91 32.66 -1.26 2.07
N HIS C 92 32.46 -2.40 2.73
CA HIS C 92 31.19 -2.74 3.36
C HIS C 92 31.44 -3.49 4.65
N GLY C 93 30.63 -3.19 5.65
CA GLY C 93 30.72 -3.80 6.96
C GLY C 93 29.36 -3.77 7.60
N VAL C 94 29.28 -4.45 8.75
CA VAL C 94 28.04 -4.55 9.53
C VAL C 94 28.36 -4.42 11.02
N ARG C 95 27.59 -3.59 11.71
CA ARG C 95 27.71 -3.41 13.16
C ARG C 95 26.37 -3.79 13.79
N ALA C 96 26.39 -4.69 14.77
CA ALA C 96 25.20 -5.10 15.49
C ALA C 96 24.91 -4.12 16.66
N VAL C 97 23.68 -3.60 16.71
CA VAL C 97 23.21 -2.75 17.80
C VAL C 97 22.61 -3.70 18.85
N THR C 98 21.78 -4.65 18.41
CA THR C 98 21.22 -5.70 19.28
C THR C 98 21.89 -6.98 18.80
N ASP C 99 21.57 -8.13 19.42
CA ASP C 99 22.04 -9.43 18.89
C ASP C 99 21.45 -9.46 17.48
N MSE C 100 22.24 -9.89 16.49
CA MSE C 100 21.84 -9.83 15.09
CA MSE C 100 21.87 -9.80 15.08
C MSE C 100 22.37 -10.97 14.28
O MSE C 100 23.43 -11.53 14.58
CB MSE C 100 22.36 -8.52 14.50
CB MSE C 100 22.51 -8.52 14.52
CG MSE C 100 22.04 -8.26 13.04
CG MSE C 100 22.14 -8.08 13.12
SE MSE C 100 22.77 -6.57 12.56
SE MSE C 100 23.34 -6.60 12.71
CE MSE C 100 24.66 -6.97 12.70
CE MSE C 100 22.50 -5.83 11.11
N LYS C 101 21.60 -11.34 13.25
CA LYS C 101 22.06 -12.35 12.29
C LYS C 101 21.77 -11.83 10.90
N VAL C 102 22.78 -11.90 10.04
CA VAL C 102 22.65 -11.48 8.64
C VAL C 102 23.04 -12.62 7.70
N LEU C 103 22.54 -12.54 6.47
CA LEU C 103 22.84 -13.49 5.41
C LEU C 103 23.43 -12.68 4.28
N VAL C 104 24.62 -13.05 3.86
CA VAL C 104 25.35 -12.38 2.79
C VAL C 104 25.39 -13.32 1.59
N THR C 105 25.00 -12.81 0.41
CA THR C 105 25.06 -13.58 -0.85
C THR C 105 26.01 -12.82 -1.75
N ILE C 106 26.98 -13.52 -2.34
CA ILE C 106 28.03 -12.90 -3.16
C ILE C 106 27.97 -13.52 -4.53
N ALA C 107 27.84 -12.70 -5.58
CA ALA C 107 27.74 -13.16 -6.98
C ALA C 107 28.48 -12.23 -7.94
N PRO C 108 29.42 -12.77 -8.74
CA PRO C 108 29.97 -14.13 -8.68
C PRO C 108 30.74 -14.32 -7.35
N PRO C 109 31.01 -15.59 -6.96
CA PRO C 109 31.76 -15.82 -5.72
C PRO C 109 33.23 -15.36 -5.89
N ILE C 110 33.87 -14.93 -4.80
CA ILE C 110 35.25 -14.38 -4.81
C ILE C 110 36.28 -15.45 -5.20
N HIS D 5 27.83 3.18 -5.99
CA HIS D 5 26.58 2.55 -6.47
C HIS D 5 26.13 1.46 -5.46
N MSE D 6 25.82 1.89 -4.23
CA MSE D 6 25.33 0.99 -3.14
C MSE D 6 24.14 1.61 -2.37
O MSE D 6 24.15 2.79 -2.00
CB MSE D 6 26.46 0.45 -2.26
CG MSE D 6 27.39 1.45 -1.60
SE MSE D 6 26.80 1.99 0.16
CE MSE D 6 28.38 3.04 0.66
N LYS D 7 23.11 0.78 -2.13
CA LYS D 7 21.80 1.21 -1.63
C LYS D 7 21.22 0.14 -0.73
N SER D 8 20.38 0.55 0.22
CA SER D 8 19.70 -0.37 1.10
C SER D 8 18.19 -0.27 0.86
N HIS D 9 17.48 -1.35 1.19
CA HIS D 9 16.03 -1.41 1.04
C HIS D 9 15.50 -2.01 2.30
N ASN D 10 14.63 -1.28 3.00
CA ASN D 10 14.01 -1.74 4.24
C ASN D 10 12.75 -2.49 3.87
N LEU D 11 12.94 -3.77 3.57
CA LEU D 11 11.89 -4.63 3.04
C LEU D 11 10.70 -4.92 3.95
N LEU D 12 10.85 -4.68 5.26
CA LEU D 12 9.75 -4.84 6.23
C LEU D 12 9.21 -3.49 6.76
N GLU D 13 9.60 -2.38 6.14
CA GLU D 13 9.23 -1.04 6.64
C GLU D 13 7.77 -0.72 6.36
N ALA D 14 7.35 -0.94 5.11
CA ALA D 14 5.97 -0.68 4.67
C ALA D 14 5.53 -1.82 3.72
N VAL D 15 5.30 -2.98 4.33
CA VAL D 15 4.96 -4.22 3.59
C VAL D 15 3.55 -4.04 3.06
N ARG D 16 3.35 -4.35 1.77
CA ARG D 16 2.07 -4.16 1.08
C ARG D 16 1.57 -5.51 0.52
N PHE D 17 0.28 -5.79 0.70
CA PHE D 17 -0.34 -7.04 0.24
C PHE D 17 -1.38 -6.79 -0.83
N ASP D 18 -1.64 -7.83 -1.63
CA ASP D 18 -2.65 -7.79 -2.69
C ASP D 18 -3.58 -8.99 -2.43
N ASP D 19 -4.87 -8.72 -2.50
CA ASP D 19 -5.93 -9.71 -2.24
C ASP D 19 -6.00 -10.87 -3.26
N GLN D 20 -5.81 -10.54 -4.53
CA GLN D 20 -6.00 -11.47 -5.66
C GLN D 20 -4.79 -12.32 -6.02
N ARG D 21 -3.60 -11.79 -5.78
CA ARG D 21 -2.36 -12.52 -6.03
C ARG D 21 -1.24 -11.88 -5.26
N PHE D 22 -0.16 -12.63 -5.07
CA PHE D 22 1.05 -12.13 -4.39
C PHE D 22 1.58 -10.85 -5.02
N VAL D 23 2.28 -10.05 -4.22
CA VAL D 23 2.93 -8.82 -4.70
C VAL D 23 4.41 -9.16 -4.99
N MSE D 24 4.87 -8.85 -6.20
CA MSE D 24 6.25 -9.06 -6.63
C MSE D 24 6.84 -7.66 -6.78
O MSE D 24 6.17 -6.79 -7.35
CB MSE D 24 6.29 -9.80 -7.95
CG MSE D 24 7.66 -10.21 -8.43
SE MSE D 24 7.67 -11.05 -10.21
CE MSE D 24 6.43 -12.56 -10.15
N GLU D 25 8.03 -7.45 -6.22
CA GLU D 25 8.70 -6.14 -6.28
C GLU D 25 10.17 -6.36 -6.62
N LEU D 26 10.64 -5.71 -7.68
CA LEU D 26 12.05 -5.80 -8.07
C LEU D 26 12.81 -4.95 -7.05
N VAL D 27 13.85 -5.53 -6.47
CA VAL D 27 14.73 -4.84 -5.50
C VAL D 27 16.00 -4.38 -6.19
N HIS D 28 16.59 -5.29 -6.95
CA HIS D 28 17.83 -4.99 -7.66
C HIS D 28 17.99 -5.89 -8.88
N GLU D 29 18.52 -5.31 -9.96
CA GLU D 29 18.84 -6.06 -11.15
C GLU D 29 20.16 -5.56 -11.72
N SER D 30 21.11 -6.47 -11.88
CA SER D 30 22.39 -6.19 -12.52
C SER D 30 22.78 -7.44 -13.30
N GLU D 31 23.95 -7.41 -13.94
CA GLU D 31 24.51 -8.57 -14.63
C GLU D 31 24.91 -9.70 -13.64
N ASN D 32 25.09 -9.35 -12.35
CA ASN D 32 25.53 -10.26 -11.29
C ASN D 32 24.39 -11.05 -10.71
N PHE D 33 23.30 -10.38 -10.39
CA PHE D 33 22.11 -11.02 -9.88
C PHE D 33 20.85 -10.15 -9.99
N LYS D 34 19.73 -10.84 -9.90
CA LYS D 34 18.41 -10.24 -9.85
C LYS D 34 17.88 -10.55 -8.44
N ILE D 35 17.40 -9.52 -7.76
CA ILE D 35 16.87 -9.63 -6.42
C ILE D 35 15.43 -9.11 -6.48
N VAL D 36 14.52 -9.98 -6.09
CA VAL D 36 13.08 -9.71 -6.13
C VAL D 36 12.42 -10.18 -4.81
N SER D 37 11.44 -9.41 -4.31
CA SER D 37 10.68 -9.78 -3.11
C SER D 37 9.27 -10.18 -3.51
N PHE D 38 8.70 -11.09 -2.73
CA PHE D 38 7.35 -11.55 -2.89
C PHE D 38 6.69 -11.42 -1.55
N THR D 39 5.48 -10.85 -1.53
CA THR D 39 4.73 -10.62 -0.32
C THR D 39 3.41 -11.33 -0.53
N PHE D 40 3.11 -12.26 0.37
CA PHE D 40 1.97 -13.13 0.30
C PHE D 40 1.06 -12.92 1.48
N LYS D 41 -0.23 -12.94 1.21
CA LYS D 41 -1.19 -13.06 2.28
C LYS D 41 -1.18 -14.56 2.57
N ALA D 42 -1.50 -14.92 3.83
CA ALA D 42 -1.65 -16.31 4.23
C ALA D 42 -2.47 -17.05 3.16
N GLY D 43 -1.94 -18.16 2.65
CA GLY D 43 -2.63 -18.97 1.64
C GLY D 43 -2.23 -18.71 0.20
N GLN D 44 -1.61 -17.55 -0.08
CA GLN D 44 -1.15 -17.26 -1.45
C GLN D 44 0.11 -18.07 -1.74
N GLU D 45 0.37 -18.22 -3.02
CA GLU D 45 1.40 -19.08 -3.47
C GLU D 45 2.06 -18.51 -4.73
N LEU D 46 3.37 -18.73 -4.82
CA LEU D 46 4.18 -18.45 -6.01
C LEU D 46 4.21 -19.84 -6.62
N PRO D 47 3.59 -20.04 -7.81
CA PRO D 47 3.54 -21.39 -8.36
C PRO D 47 4.91 -21.99 -8.63
N VAL D 48 4.96 -23.32 -8.51
CA VAL D 48 6.17 -24.08 -8.75
C VAL D 48 6.53 -23.82 -10.21
N HIS D 49 7.76 -23.37 -10.40
CA HIS D 49 8.26 -23.05 -11.71
C HIS D 49 9.76 -23.27 -11.82
N SER D 50 10.24 -23.23 -13.06
CA SER D 50 11.66 -23.40 -13.34
C SER D 50 11.92 -22.88 -14.74
N HIS D 51 13.19 -22.60 -14.99
CA HIS D 51 13.70 -22.15 -16.29
C HIS D 51 14.90 -23.04 -16.60
N ASN D 52 14.93 -23.61 -17.82
CA ASN D 52 16.03 -24.49 -18.22
CA ASN D 52 16.02 -24.50 -18.24
C ASN D 52 17.24 -23.65 -18.63
N ILE D 53 17.93 -23.17 -17.61
CA ILE D 53 19.13 -22.36 -17.78
C ILE D 53 20.01 -22.64 -16.57
N GLU D 54 21.33 -22.48 -16.74
CA GLU D 54 22.26 -22.62 -15.63
C GLU D 54 22.07 -21.47 -14.65
N GLY D 55 22.39 -21.73 -13.40
CA GLY D 55 22.31 -20.77 -12.33
C GLY D 55 21.52 -21.31 -11.17
N GLU D 56 21.56 -20.56 -10.10
CA GLU D 56 20.88 -20.90 -8.88
C GLU D 56 20.11 -19.72 -8.34
N LEU D 57 19.20 -20.05 -7.44
CA LEU D 57 18.47 -19.05 -6.71
C LEU D 57 18.50 -19.38 -5.22
N ASN D 58 18.36 -18.34 -4.38
CA ASN D 58 18.16 -18.54 -2.96
C ASN D 58 16.92 -17.76 -2.62
N ILE D 59 16.09 -18.33 -1.75
CA ILE D 59 14.85 -17.71 -1.29
C ILE D 59 14.99 -17.65 0.21
N VAL D 60 14.88 -16.45 0.76
CA VAL D 60 15.08 -16.18 2.19
C VAL D 60 13.78 -15.66 2.73
N VAL D 61 13.30 -16.26 3.82
CA VAL D 61 12.05 -15.86 4.42
C VAL D 61 12.35 -14.75 5.39
N LEU D 62 11.87 -13.56 5.05
CA LEU D 62 12.03 -12.37 5.91
C LEU D 62 11.03 -12.25 7.03
N GLU D 63 9.79 -12.63 6.75
CA GLU D 63 8.71 -12.45 7.71
C GLU D 63 7.69 -13.50 7.46
N GLY D 64 7.09 -14.03 8.53
CA GLY D 64 6.06 -15.03 8.40
C GLY D 64 6.62 -16.40 8.15
N GLU D 65 5.71 -17.30 7.78
CA GLU D 65 6.01 -18.71 7.64
C GLU D 65 5.31 -19.29 6.44
N GLY D 66 6.01 -20.20 5.77
CA GLY D 66 5.43 -20.92 4.67
C GLY D 66 6.11 -22.23 4.39
N GLU D 67 6.07 -22.61 3.12
CA GLU D 67 6.66 -23.84 2.63
C GLU D 67 7.35 -23.56 1.32
N PHE D 68 8.53 -24.13 1.14
CA PHE D 68 9.20 -24.14 -0.16
C PHE D 68 8.55 -25.36 -0.83
N VAL D 69 8.08 -25.19 -2.06
CA VAL D 69 7.35 -26.23 -2.77
C VAL D 69 8.17 -26.63 -3.98
N GLY D 70 8.16 -27.91 -4.33
CA GLY D 70 8.90 -28.38 -5.52
C GLY D 70 8.07 -29.32 -6.34
N ASP D 71 8.75 -30.11 -7.15
CA ASP D 71 8.08 -31.07 -8.01
C ASP D 71 7.18 -32.03 -7.22
N GLY D 72 6.01 -32.33 -7.79
CA GLY D 72 4.99 -33.19 -7.19
C GLY D 72 4.39 -32.61 -5.92
N ASP D 73 4.46 -31.28 -5.75
CA ASP D 73 4.00 -30.60 -4.55
C ASP D 73 4.74 -31.05 -3.26
N ALA D 74 6.00 -31.50 -3.42
CA ALA D 74 6.85 -31.87 -2.28
C ALA D 74 7.18 -30.59 -1.56
N VAL D 75 7.16 -30.61 -0.22
CA VAL D 75 7.40 -29.41 0.55
C VAL D 75 8.55 -29.52 1.58
N ILE D 76 9.14 -28.36 1.84
CA ILE D 76 10.15 -28.15 2.87
C ILE D 76 9.62 -26.95 3.68
N PRO D 77 9.47 -27.08 5.02
CA PRO D 77 9.02 -25.94 5.81
C PRO D 77 9.92 -24.72 5.67
N ALA D 78 9.30 -23.55 5.63
CA ALA D 78 9.97 -22.30 5.41
C ALA D 78 9.57 -21.36 6.52
N PRO D 79 10.14 -21.58 7.74
CA PRO D 79 9.89 -20.64 8.81
C PRO D 79 10.66 -19.35 8.54
N ARG D 80 10.37 -18.29 9.30
CA ARG D 80 11.07 -17.01 9.18
C ARG D 80 12.55 -17.31 9.36
N GLY D 81 13.38 -16.72 8.51
CA GLY D 81 14.81 -16.93 8.51
C GLY D 81 15.30 -18.14 7.73
N ALA D 82 14.39 -18.94 7.15
CA ALA D 82 14.78 -20.10 6.34
C ALA D 82 15.31 -19.59 5.00
N VAL D 83 16.30 -20.32 4.47
CA VAL D 83 16.84 -20.06 3.13
C VAL D 83 16.83 -21.35 2.32
N LEU D 84 16.20 -21.31 1.15
CA LEU D 84 16.24 -22.39 0.15
C LEU D 84 17.28 -22.01 -0.88
N VAL D 85 18.14 -22.96 -1.26
CA VAL D 85 19.05 -22.78 -2.39
C VAL D 85 18.69 -23.86 -3.35
N ALA D 86 18.50 -23.49 -4.62
CA ALA D 86 18.19 -24.47 -5.65
C ALA D 86 18.64 -24.00 -7.05
N PRO D 87 18.88 -24.96 -7.94
CA PRO D 87 19.09 -24.62 -9.32
C PRO D 87 17.84 -23.92 -9.87
N ILE D 88 18.06 -22.97 -10.76
CA ILE D 88 16.98 -22.27 -11.50
C ILE D 88 16.12 -23.30 -12.30
N SER D 89 16.75 -24.38 -12.78
CA SER D 89 16.08 -25.46 -13.51
C SER D 89 15.28 -26.47 -12.66
N THR D 90 15.51 -26.47 -11.35
CA THR D 90 14.76 -27.34 -10.45
C THR D 90 13.43 -26.66 -10.12
N PRO D 91 12.30 -27.38 -10.30
CA PRO D 91 10.98 -26.77 -9.96
C PRO D 91 10.95 -26.25 -8.53
N HIS D 92 10.59 -24.98 -8.37
CA HIS D 92 10.55 -24.33 -7.05
C HIS D 92 9.39 -23.34 -6.97
N GLY D 93 8.78 -23.30 -5.79
CA GLY D 93 7.65 -22.43 -5.50
C GLY D 93 7.64 -22.15 -4.01
N VAL D 94 6.75 -21.26 -3.60
CA VAL D 94 6.60 -20.87 -2.21
C VAL D 94 5.12 -20.81 -1.91
N ARG D 95 4.73 -21.29 -0.74
CA ARG D 95 3.35 -21.21 -0.30
C ARG D 95 3.40 -20.56 1.07
N ALA D 96 2.55 -19.55 1.28
CA ALA D 96 2.49 -18.85 2.56
C ALA D 96 1.44 -19.52 3.44
N VAL D 97 1.84 -19.86 4.67
CA VAL D 97 0.98 -20.42 5.69
C VAL D 97 0.43 -19.24 6.52
N THR D 98 1.29 -18.29 6.91
CA THR D 98 0.87 -17.00 7.51
C THR D 98 1.19 -15.91 6.47
N ASP D 99 0.82 -14.66 6.73
CA ASP D 99 1.25 -13.51 5.85
C ASP D 99 2.76 -13.62 5.81
N MSE D 100 3.35 -13.51 4.63
CA MSE D 100 4.76 -13.80 4.45
CA MSE D 100 4.75 -13.82 4.44
C MSE D 100 5.41 -12.90 3.43
O MSE D 100 4.76 -12.47 2.49
CB MSE D 100 4.88 -15.25 4.01
CB MSE D 100 4.82 -15.25 3.93
CG MSE D 100 6.30 -15.78 3.81
CG MSE D 100 6.19 -15.87 3.87
SE MSE D 100 6.22 -17.62 3.28
SE MSE D 100 6.08 -17.44 2.74
CE MSE D 100 5.36 -17.49 1.56
CE MSE D 100 7.86 -18.10 3.13
N LYS D 101 6.71 -12.65 3.63
CA LYS D 101 7.52 -11.88 2.72
C LYS D 101 8.86 -12.61 2.54
N VAL D 102 9.22 -12.86 1.28
CA VAL D 102 10.46 -13.53 0.95
C VAL D 102 11.31 -12.66 0.02
N LEU D 103 12.60 -12.94 -0.01
CA LEU D 103 13.52 -12.25 -0.92
C LEU D 103 14.16 -13.33 -1.76
N VAL D 104 14.16 -13.18 -3.08
CA VAL D 104 14.75 -14.16 -3.98
C VAL D 104 15.92 -13.50 -4.71
N THR D 105 17.06 -14.17 -4.70
CA THR D 105 18.29 -13.70 -5.35
C THR D 105 18.62 -14.78 -6.36
N ILE D 106 18.75 -14.38 -7.62
CA ILE D 106 18.98 -15.30 -8.74
C ILE D 106 20.33 -14.95 -9.37
N ALA D 107 21.22 -15.93 -9.50
CA ALA D 107 22.59 -15.73 -10.01
C ALA D 107 23.03 -16.92 -10.90
N PRO D 108 23.41 -16.65 -12.17
CA PRO D 108 23.29 -15.38 -12.86
C PRO D 108 21.81 -15.04 -13.10
N PRO D 109 21.52 -13.78 -13.46
CA PRO D 109 20.13 -13.43 -13.72
C PRO D 109 19.72 -14.03 -15.09
N ILE D 110 18.43 -14.28 -15.27
CA ILE D 110 17.93 -14.91 -16.51
C ILE D 110 17.83 -13.86 -17.63
N LYS E 7 -19.64 -1.90 -0.65
CA LYS E 7 -20.60 -1.56 -1.73
C LYS E 7 -20.40 -0.12 -2.23
N SER E 8 -20.05 0.02 -3.50
CA SER E 8 -19.85 1.33 -4.14
C SER E 8 -20.83 1.59 -5.28
N HIS E 9 -21.01 2.88 -5.58
CA HIS E 9 -21.91 3.33 -6.65
C HIS E 9 -21.10 4.34 -7.44
N ASN E 10 -20.84 4.03 -8.71
CA ASN E 10 -20.14 4.93 -9.64
C ASN E 10 -21.20 5.86 -10.19
N LEU E 11 -21.34 7.03 -9.55
CA LEU E 11 -22.44 7.96 -9.86
C LEU E 11 -22.32 8.73 -11.16
N LEU E 12 -21.12 8.81 -11.75
CA LEU E 12 -20.97 9.47 -13.06
C LEU E 12 -20.84 8.47 -14.24
N GLU E 13 -21.11 7.19 -13.99
CA GLU E 13 -20.91 6.13 -14.99
C GLU E 13 -22.02 6.08 -16.05
N ALA E 14 -23.27 6.00 -15.61
CA ALA E 14 -24.46 6.00 -16.50
C ALA E 14 -25.47 7.03 -15.93
N VAL E 15 -25.12 8.30 -16.08
CA VAL E 15 -25.94 9.41 -15.59
C VAL E 15 -27.25 9.46 -16.39
N ARG E 16 -28.38 9.57 -15.70
CA ARG E 16 -29.71 9.62 -16.33
C ARG E 16 -30.33 11.00 -16.16
N PHE E 17 -30.74 11.62 -17.27
CA PHE E 17 -31.43 12.92 -17.26
C PHE E 17 -32.88 12.77 -17.68
N ASP E 18 -33.70 13.73 -17.30
CA ASP E 18 -35.11 13.79 -17.73
C ASP E 18 -35.40 15.26 -18.04
N ASP E 19 -35.93 15.49 -19.24
CA ASP E 19 -36.26 16.85 -19.73
C ASP E 19 -37.46 17.48 -19.03
N GLN E 20 -38.39 16.65 -18.57
CA GLN E 20 -39.61 17.09 -17.91
C GLN E 20 -39.36 17.52 -16.46
N ARG E 21 -38.44 16.83 -15.76
CA ARG E 21 -38.09 17.15 -14.37
C ARG E 21 -36.77 16.49 -13.93
N PHE E 22 -36.16 16.99 -12.87
CA PHE E 22 -34.90 16.42 -12.35
C PHE E 22 -35.09 14.94 -11.97
N VAL E 23 -34.01 14.16 -12.05
CA VAL E 23 -34.03 12.74 -11.72
C VAL E 23 -33.53 12.55 -10.27
N MSE E 24 -34.34 11.88 -9.45
CA MSE E 24 -33.97 11.56 -8.07
C MSE E 24 -33.74 10.07 -8.01
O MSE E 24 -34.61 9.31 -8.41
CB MSE E 24 -35.09 11.93 -7.12
CG MSE E 24 -34.70 11.72 -5.67
SE MSE E 24 -36.11 12.19 -4.48
CE MSE E 24 -37.39 10.78 -4.93
N GLU E 25 -32.58 9.64 -7.49
CA GLU E 25 -32.25 8.22 -7.37
C GLU E 25 -31.73 7.91 -5.99
N LEU E 26 -32.33 6.92 -5.33
CA LEU E 26 -31.91 6.49 -3.99
C LEU E 26 -30.59 5.72 -4.14
N VAL E 27 -29.56 6.14 -3.42
CA VAL E 27 -28.26 5.46 -3.46
C VAL E 27 -28.15 4.49 -2.32
N HIS E 28 -28.58 4.94 -1.14
CA HIS E 28 -28.51 4.12 0.07
C HIS E 28 -29.45 4.69 1.13
N GLU E 29 -30.15 3.80 1.82
CA GLU E 29 -31.01 4.17 2.94
C GLU E 29 -30.78 3.19 4.11
N SER E 30 -30.43 3.72 5.28
CA SER E 30 -30.27 2.92 6.51
C SER E 30 -30.80 3.71 7.69
N GLU E 31 -30.69 3.14 8.88
CA GLU E 31 -31.00 3.87 10.11
C GLU E 31 -30.03 5.06 10.36
N ASN E 32 -28.83 4.99 9.76
CA ASN E 32 -27.78 6.00 9.97
C ASN E 32 -27.87 7.20 9.03
N PHE E 33 -28.18 6.93 7.77
CA PHE E 33 -28.37 8.01 6.79
C PHE E 33 -29.09 7.57 5.54
N LYS E 34 -29.57 8.57 4.82
CA LYS E 34 -30.21 8.39 3.54
C LYS E 34 -29.32 9.14 2.57
N ILE E 35 -28.94 8.48 1.46
CA ILE E 35 -28.06 9.06 0.46
C ILE E 35 -28.87 9.04 -0.84
N VAL E 36 -29.13 10.20 -1.40
CA VAL E 36 -29.91 10.36 -2.63
CA VAL E 36 -29.89 10.33 -2.66
C VAL E 36 -29.15 11.25 -3.63
N SER E 37 -29.20 10.89 -4.92
CA SER E 37 -28.57 11.73 -5.98
C SER E 37 -29.69 12.46 -6.69
N PHE E 38 -29.39 13.66 -7.18
CA PHE E 38 -30.31 14.43 -8.02
C PHE E 38 -29.53 14.81 -9.28
N THR E 39 -30.13 14.59 -10.44
CA THR E 39 -29.49 14.81 -11.74
C THR E 39 -30.37 15.77 -12.47
N PHE E 40 -29.76 16.91 -12.81
CA PHE E 40 -30.40 18.05 -13.41
C PHE E 40 -29.88 18.37 -14.80
N LYS E 41 -30.80 18.71 -15.70
CA LYS E 41 -30.46 19.31 -17.00
C LYS E 41 -30.24 20.78 -16.62
N ALA E 42 -29.41 21.49 -17.39
CA ALA E 42 -29.21 22.94 -17.17
C ALA E 42 -30.57 23.62 -17.03
N GLY E 43 -30.72 24.44 -16.00
CA GLY E 43 -31.95 25.15 -15.75
C GLY E 43 -32.89 24.46 -14.80
N GLN E 44 -32.74 23.16 -14.57
CA GLN E 44 -33.62 22.46 -13.63
C GLN E 44 -33.24 22.81 -12.21
N GLU E 45 -34.24 22.62 -11.35
CA GLU E 45 -34.17 23.01 -9.97
C GLU E 45 -34.89 22.03 -9.05
N LEU E 46 -34.28 21.79 -7.89
CA LEU E 46 -34.91 21.08 -6.77
C LEU E 46 -35.49 22.26 -5.95
N PRO E 47 -36.83 22.42 -5.91
CA PRO E 47 -37.35 23.58 -5.19
C PRO E 47 -36.95 23.66 -3.72
N VAL E 48 -36.84 24.90 -3.24
CA VAL E 48 -36.46 25.21 -1.87
C VAL E 48 -37.48 24.62 -0.93
N HIS E 49 -37.01 23.79 0.00
CA HIS E 49 -37.88 23.11 0.93
C HIS E 49 -37.17 22.74 2.23
N SER E 50 -37.95 22.20 3.15
CA SER E 50 -37.44 21.72 4.42
C SER E 50 -38.43 20.75 5.07
N HIS E 51 -37.94 20.04 6.09
CA HIS E 51 -38.79 19.19 6.94
C HIS E 51 -38.53 19.68 8.33
N ASN E 52 -39.57 19.86 9.15
CA ASN E 52 -39.40 20.32 10.53
C ASN E 52 -39.02 19.15 11.44
N ILE E 53 -37.80 18.63 11.24
CA ILE E 53 -37.23 17.54 12.02
C ILE E 53 -35.75 17.83 12.26
N GLU E 54 -35.20 17.16 13.28
CA GLU E 54 -33.82 17.37 13.66
C GLU E 54 -32.92 16.64 12.69
N GLY E 55 -31.68 17.09 12.66
CA GLY E 55 -30.69 16.52 11.80
C GLY E 55 -30.22 17.48 10.74
N GLU E 56 -29.24 16.99 9.99
CA GLU E 56 -28.60 17.75 8.95
C GLU E 56 -28.52 16.99 7.66
N LEU E 57 -28.25 17.74 6.60
CA LEU E 57 -27.99 17.17 5.32
C LEU E 57 -26.76 17.84 4.75
N ASN E 58 -26.09 17.12 3.87
CA ASN E 58 -25.05 17.78 3.11
C ASN E 58 -25.35 17.52 1.64
N ILE E 59 -25.05 18.49 0.78
CA ILE E 59 -25.30 18.39 -0.65
C ILE E 59 -23.96 18.61 -1.30
N VAL E 60 -23.49 17.61 -2.04
CA VAL E 60 -22.20 17.68 -2.70
C VAL E 60 -22.42 17.70 -4.20
N VAL E 61 -21.77 18.62 -4.90
CA VAL E 61 -21.90 18.71 -6.38
C VAL E 61 -20.84 17.80 -7.00
N LEU E 62 -21.28 16.70 -7.61
CA LEU E 62 -20.39 15.71 -8.26
C LEU E 62 -19.88 16.15 -9.62
N GLU E 63 -20.78 16.78 -10.37
CA GLU E 63 -20.52 17.16 -11.75
C GLU E 63 -21.35 18.37 -12.11
N GLY E 64 -20.79 19.21 -12.98
CA GLY E 64 -21.45 20.42 -13.39
C GLY E 64 -21.41 21.49 -12.31
N GLU E 65 -22.22 22.52 -12.52
CA GLU E 65 -22.26 23.73 -11.71
C GLU E 65 -23.67 24.18 -11.49
N GLY E 66 -23.91 24.73 -10.32
CA GLY E 66 -25.20 25.28 -10.02
C GLY E 66 -25.14 26.29 -8.94
N GLU E 67 -26.25 26.41 -8.21
CA GLU E 67 -26.36 27.33 -7.07
C GLU E 67 -27.09 26.63 -5.96
N PHE E 68 -26.66 26.86 -4.72
CA PHE E 68 -27.42 26.41 -3.55
C PHE E 68 -28.38 27.54 -3.28
N VAL E 69 -29.67 27.23 -3.06
CA VAL E 69 -30.73 28.22 -2.85
C VAL E 69 -31.29 28.08 -1.42
N GLY E 70 -31.53 29.21 -0.74
CA GLY E 70 -32.09 29.20 0.61
C GLY E 70 -33.42 29.93 0.58
N ASP E 71 -33.91 30.26 1.77
CA ASP E 71 -35.17 31.01 1.90
C ASP E 71 -34.95 32.45 1.38
N GLY E 72 -36.02 33.10 0.96
CA GLY E 72 -35.95 34.46 0.40
C GLY E 72 -35.24 34.52 -0.95
N ASP E 73 -35.20 33.40 -1.68
CA ASP E 73 -34.51 33.30 -3.00
C ASP E 73 -33.00 33.61 -2.95
N ALA E 74 -32.41 33.48 -1.76
CA ALA E 74 -30.99 33.74 -1.52
C ALA E 74 -30.23 32.59 -2.15
N VAL E 75 -29.11 32.91 -2.83
CA VAL E 75 -28.32 31.90 -3.57
C VAL E 75 -26.83 31.98 -3.24
N ILE E 76 -26.15 30.84 -3.35
CA ILE E 76 -24.71 30.71 -3.14
C ILE E 76 -24.20 29.91 -4.34
N PRO E 77 -23.14 30.37 -5.04
CA PRO E 77 -22.61 29.56 -6.14
C PRO E 77 -22.24 28.15 -5.68
N ALA E 78 -22.57 27.16 -6.50
CA ALA E 78 -22.36 25.73 -6.23
C ALA E 78 -21.51 25.09 -7.35
N PRO E 79 -20.20 25.43 -7.38
CA PRO E 79 -19.33 24.82 -8.39
C PRO E 79 -19.12 23.32 -8.15
N ARG E 80 -18.62 22.60 -9.17
CA ARG E 80 -18.29 21.19 -9.04
C ARG E 80 -17.40 21.02 -7.81
N GLY E 81 -17.77 20.07 -6.95
CA GLY E 81 -17.06 19.84 -5.69
C GLY E 81 -17.52 20.68 -4.49
N ALA E 82 -18.51 21.55 -4.67
CA ALA E 82 -19.06 22.35 -3.58
C ALA E 82 -19.92 21.48 -2.67
N VAL E 83 -19.86 21.78 -1.37
CA VAL E 83 -20.64 21.06 -0.38
C VAL E 83 -21.36 22.04 0.54
N LEU E 84 -22.68 21.95 0.58
CA LEU E 84 -23.52 22.73 1.45
C LEU E 84 -23.86 21.81 2.61
N VAL E 85 -23.80 22.31 3.83
CA VAL E 85 -24.20 21.58 5.02
C VAL E 85 -25.27 22.46 5.66
N ALA E 86 -26.46 21.91 5.87
CA ALA E 86 -27.57 22.66 6.44
C ALA E 86 -28.43 21.82 7.36
N PRO E 87 -29.14 22.48 8.30
CA PRO E 87 -30.16 21.73 9.02
C PRO E 87 -31.27 21.27 8.04
N ILE E 88 -31.81 20.09 8.27
CA ILE E 88 -32.94 19.57 7.50
C ILE E 88 -34.16 20.54 7.54
N SER E 89 -34.34 21.24 8.67
CA SER E 89 -35.39 22.23 8.87
C SER E 89 -35.13 23.64 8.30
N THR E 90 -33.95 23.88 7.75
CA THR E 90 -33.64 25.17 7.12
C THR E 90 -33.99 25.04 5.64
N PRO E 91 -34.72 26.02 5.07
CA PRO E 91 -35.06 25.89 3.65
C PRO E 91 -33.83 25.81 2.75
N HIS E 92 -33.81 24.80 1.87
CA HIS E 92 -32.70 24.53 0.97
C HIS E 92 -33.24 24.01 -0.36
N GLY E 93 -32.62 24.48 -1.42
CA GLY E 93 -32.90 24.01 -2.78
C GLY E 93 -31.60 24.06 -3.54
N VAL E 94 -31.64 23.57 -4.76
CA VAL E 94 -30.46 23.53 -5.64
C VAL E 94 -30.96 23.88 -7.02
N ARG E 95 -30.22 24.73 -7.73
CA ARG E 95 -30.56 25.13 -9.10
C ARG E 95 -29.35 24.84 -10.00
N ALA E 96 -29.58 24.05 -11.06
CA ALA E 96 -28.54 23.68 -12.01
C ALA E 96 -28.33 24.80 -13.03
N VAL E 97 -27.08 25.21 -13.20
CA VAL E 97 -26.69 26.20 -14.21
C VAL E 97 -26.29 25.41 -15.46
N THR E 98 -25.37 24.44 -15.31
CA THR E 98 -25.01 23.49 -16.37
C THR E 98 -25.78 22.20 -16.05
N ASP E 99 -25.63 21.16 -16.89
CA ASP E 99 -26.16 19.82 -16.51
C ASP E 99 -25.40 19.49 -15.24
N MSE E 100 -26.10 18.97 -14.24
CA MSE E 100 -25.51 18.83 -12.92
C MSE E 100 -25.99 17.59 -12.20
O MSE E 100 -27.15 17.18 -12.37
CB MSE E 100 -25.93 20.07 -12.10
CG MSE E 100 -25.22 20.28 -10.77
SE MSE E 100 -26.15 21.62 -9.73
CE MSE E 100 -24.73 22.15 -8.55
N LYS E 101 -25.09 16.99 -11.43
CA LYS E 101 -25.46 15.89 -10.53
C LYS E 101 -24.94 16.17 -9.13
N VAL E 102 -25.79 15.95 -8.15
CA VAL E 102 -25.47 16.20 -6.76
C VAL E 102 -25.82 14.97 -5.96
N LEU E 103 -25.17 14.83 -4.81
CA LEU E 103 -25.40 13.75 -3.87
C LEU E 103 -25.78 14.41 -2.56
N VAL E 104 -26.90 13.98 -2.01
CA VAL E 104 -27.44 14.48 -0.77
C VAL E 104 -27.39 13.36 0.25
N THR E 105 -26.75 13.62 1.38
CA THR E 105 -26.66 12.67 2.50
C THR E 105 -27.38 13.31 3.65
N ILE E 106 -28.34 12.61 4.21
CA ILE E 106 -29.22 13.12 5.27
C ILE E 106 -28.97 12.31 6.53
N ALA E 107 -28.67 12.97 7.65
CA ALA E 107 -28.35 12.30 8.94
C ALA E 107 -28.90 13.03 10.17
N PRO E 108 -29.72 12.37 11.02
CA PRO E 108 -30.31 11.05 10.83
C PRO E 108 -31.35 11.12 9.70
N PRO E 109 -31.74 9.96 9.14
CA PRO E 109 -32.72 9.92 8.06
C PRO E 109 -34.11 10.33 8.54
N ILE E 110 -34.95 10.74 7.59
CA ILE E 110 -36.28 11.31 7.87
C ILE E 110 -37.29 10.25 8.39
N LYS F 7 -24.28 27.50 4.88
CA LYS F 7 -22.79 27.60 4.71
C LYS F 7 -22.27 26.50 3.80
N SER F 8 -21.37 26.87 2.89
CA SER F 8 -20.78 25.93 1.94
C SER F 8 -19.25 26.01 1.88
N HIS F 9 -18.68 24.97 1.26
CA HIS F 9 -17.26 24.78 1.09
C HIS F 9 -16.99 24.31 -0.36
N ASN F 10 -16.23 25.09 -1.13
CA ASN F 10 -15.85 24.73 -2.50
C ASN F 10 -14.55 23.92 -2.38
N LEU F 11 -14.72 22.61 -2.30
CA LEU F 11 -13.62 21.69 -2.04
C LEU F 11 -12.60 21.54 -3.16
N LEU F 12 -12.93 21.99 -4.38
CA LEU F 12 -11.99 21.98 -5.52
C LEU F 12 -11.49 23.39 -5.88
N GLU F 13 -11.71 24.38 -5.02
CA GLU F 13 -11.37 25.80 -5.28
C GLU F 13 -9.89 26.14 -5.08
N ALA F 14 -9.33 25.62 -3.99
CA ALA F 14 -7.91 25.79 -3.64
C ALA F 14 -7.42 24.44 -3.08
N VAL F 15 -7.24 23.49 -3.99
CA VAL F 15 -6.85 22.11 -3.61
C VAL F 15 -5.42 22.13 -3.07
N ARG F 16 -5.25 21.46 -1.94
CA ARG F 16 -4.03 21.43 -1.14
C ARG F 16 -3.43 20.04 -1.10
N PHE F 17 -2.25 19.89 -1.71
CA PHE F 17 -1.50 18.63 -1.72
C PHE F 17 -0.30 18.76 -0.80
N ASP F 18 0.17 17.62 -0.32
CA ASP F 18 1.38 17.54 0.49
C ASP F 18 2.16 16.30 0.00
N ASP F 19 3.42 16.51 -0.41
CA ASP F 19 4.30 15.42 -0.93
C ASP F 19 4.59 14.31 0.09
N GLN F 20 4.67 14.67 1.39
CA GLN F 20 4.99 13.72 2.47
C GLN F 20 3.83 12.80 2.77
N ARG F 21 2.69 13.40 3.13
CA ARG F 21 1.48 12.65 3.48
C ARG F 21 0.24 13.34 2.95
N PHE F 22 -0.86 12.62 2.95
CA PHE F 22 -2.16 13.16 2.50
C PHE F 22 -2.60 14.30 3.41
N VAL F 23 -3.41 15.19 2.85
CA VAL F 23 -3.95 16.36 3.53
C VAL F 23 -5.35 16.02 3.99
N MSE F 24 -5.59 16.16 5.30
CA MSE F 24 -6.90 15.94 5.89
C MSE F 24 -7.44 17.31 6.25
O MSE F 24 -6.67 18.15 6.73
CB MSE F 24 -6.79 15.09 7.15
CG MSE F 24 -8.14 14.54 7.61
SE MSE F 24 -8.05 13.60 9.33
CE MSE F 24 -6.52 12.41 9.05
N GLU F 25 -8.73 17.57 5.99
CA GLU F 25 -9.36 18.86 6.32
CA GLU F 25 -9.37 18.85 6.34
C GLU F 25 -10.78 18.62 6.83
N LEU F 26 -11.06 19.08 8.06
CA LEU F 26 -12.39 18.96 8.64
C LEU F 26 -13.31 19.94 7.91
N VAL F 27 -14.42 19.46 7.39
CA VAL F 27 -15.38 20.31 6.67
C VAL F 27 -16.50 20.70 7.62
N HIS F 28 -17.04 19.72 8.33
CA HIS F 28 -18.14 19.97 9.26
C HIS F 28 -18.13 18.91 10.34
N GLU F 29 -18.46 19.32 11.55
CA GLU F 29 -18.55 18.41 12.67
C GLU F 29 -19.73 18.84 13.52
N SER F 30 -20.65 17.91 13.74
CA SER F 30 -21.83 18.15 14.57
C SER F 30 -22.22 16.82 15.22
N GLU F 31 -23.31 16.84 15.98
CA GLU F 31 -23.84 15.62 16.60
C GLU F 31 -24.39 14.61 15.58
N ASN F 32 -24.72 15.08 14.37
CA ASN F 32 -25.36 14.28 13.32
C ASN F 32 -24.40 13.59 12.40
N PHE F 33 -23.36 14.31 12.02
CA PHE F 33 -22.31 13.71 11.23
C PHE F 33 -20.97 14.48 11.28
N LYS F 34 -19.91 13.80 10.87
CA LYS F 34 -18.60 14.42 10.73
C LYS F 34 -18.32 14.33 9.23
N ILE F 35 -17.96 15.47 8.61
CA ILE F 35 -17.64 15.55 7.16
C ILE F 35 -16.17 16.01 7.09
N VAL F 36 -15.33 15.20 6.45
CA VAL F 36 -13.89 15.47 6.37
C VAL F 36 -13.40 15.19 4.94
N SER F 37 -12.50 16.03 4.43
CA SER F 37 -11.93 15.78 3.09
C SER F 37 -10.51 15.25 3.25
N PHE F 38 -10.07 14.48 2.25
CA PHE F 38 -8.70 13.93 2.17
C PHE F 38 -8.18 14.22 0.76
N THR F 39 -7.05 14.90 0.66
CA THR F 39 -6.45 15.22 -0.65
C THR F 39 -5.15 14.45 -0.77
N PHE F 40 -5.06 13.66 -1.84
CA PHE F 40 -3.96 12.74 -2.07
C PHE F 40 -3.21 13.02 -3.36
N LYS F 41 -1.90 12.92 -3.31
CA LYS F 41 -1.05 12.90 -4.51
C LYS F 41 -1.16 11.45 -4.98
N ALA F 42 -0.95 11.22 -6.29
CA ALA F 42 -0.98 9.87 -6.86
C ALA F 42 0.00 8.98 -6.08
N GLY F 43 -0.47 7.82 -5.63
CA GLY F 43 0.33 6.90 -4.81
C GLY F 43 0.07 6.98 -3.32
N GLN F 44 -0.49 8.09 -2.84
CA GLN F 44 -0.81 8.26 -1.42
C GLN F 44 -2.11 7.55 -1.10
N GLU F 45 -2.29 7.21 0.17
CA GLU F 45 -3.48 6.49 0.57
C GLU F 45 -3.91 6.83 1.98
N LEU F 46 -5.20 6.62 2.25
CA LEU F 46 -5.79 6.72 3.59
C LEU F 46 -5.75 5.28 4.07
N PRO F 47 -4.87 4.95 5.05
CA PRO F 47 -4.75 3.59 5.53
C PRO F 47 -6.07 2.99 5.96
N VAL F 48 -6.22 1.70 5.70
CA VAL F 48 -7.41 0.96 6.06
C VAL F 48 -7.61 1.06 7.58
N HIS F 49 -8.83 1.40 7.99
CA HIS F 49 -9.18 1.57 9.39
C HIS F 49 -10.64 1.26 9.65
N SER F 50 -10.99 1.14 10.93
CA SER F 50 -12.38 0.95 11.37
C SER F 50 -12.48 1.17 12.87
N HIS F 51 -13.70 1.43 13.32
CA HIS F 51 -14.03 1.60 14.73
C HIS F 51 -15.21 0.68 15.04
N ASN F 52 -15.12 -0.05 16.15
CA ASN F 52 -16.18 -0.98 16.54
C ASN F 52 -17.35 -0.28 17.21
N ILE F 53 -18.10 0.46 16.40
CA ILE F 53 -19.31 1.15 16.85
C ILE F 53 -20.29 1.04 15.70
N GLU F 54 -21.56 1.24 16.02
CA GLU F 54 -22.60 1.30 15.02
C GLU F 54 -22.45 2.62 14.26
N GLY F 55 -22.88 2.61 13.01
CA GLY F 55 -22.81 3.75 12.14
C GLY F 55 -22.24 3.38 10.77
N GLU F 56 -22.35 4.34 9.86
CA GLU F 56 -21.84 4.18 8.53
C GLU F 56 -21.09 5.42 8.09
N LEU F 57 -20.34 5.25 7.03
CA LEU F 57 -19.68 6.33 6.39
C LEU F 57 -19.88 6.17 4.90
N ASN F 58 -19.75 7.30 4.22
CA ASN F 58 -19.73 7.31 2.76
C ASN F 58 -18.49 8.10 2.34
N ILE F 59 -17.82 7.64 1.28
CA ILE F 59 -16.63 8.28 0.73
C ILE F 59 -16.98 8.61 -0.71
N VAL F 60 -16.94 9.89 -1.07
CA VAL F 60 -17.27 10.35 -2.40
C VAL F 60 -15.98 10.82 -3.05
N VAL F 61 -15.69 10.33 -4.27
CA VAL F 61 -14.50 10.76 -5.04
C VAL F 61 -14.86 12.03 -5.81
N LEU F 62 -14.39 13.17 -5.31
CA LEU F 62 -14.62 14.49 -5.92
C LEU F 62 -13.75 14.82 -7.12
N GLU F 63 -12.51 14.32 -7.13
CA GLU F 63 -11.56 14.61 -8.19
C GLU F 63 -10.56 13.46 -8.31
N GLY F 64 -10.19 13.12 -9.54
CA GLY F 64 -9.27 12.04 -9.78
C GLY F 64 -9.87 10.66 -9.64
N GLU F 65 -9.00 9.66 -9.70
CA GLU F 65 -9.37 8.26 -9.61
C GLU F 65 -8.49 7.52 -8.60
N GLY F 66 -9.08 6.47 -8.02
CA GLY F 66 -8.36 5.65 -7.07
C GLY F 66 -9.01 4.32 -6.85
N GLU F 67 -8.88 3.81 -5.63
CA GLU F 67 -9.45 2.53 -5.23
C GLU F 67 -9.94 2.64 -3.81
N PHE F 68 -11.12 2.08 -3.53
CA PHE F 68 -11.60 1.92 -2.15
C PHE F 68 -10.96 0.62 -1.73
N VAL F 69 -10.39 0.60 -0.52
CA VAL F 69 -9.71 -0.59 0.01
C VAL F 69 -10.59 -1.10 1.14
N GLY F 70 -10.87 -2.41 1.13
CA GLY F 70 -11.67 -3.07 2.18
C GLY F 70 -10.81 -3.97 3.02
N ASP F 71 -11.43 -4.99 3.64
CA ASP F 71 -10.69 -5.94 4.50
C ASP F 71 -9.89 -6.89 3.61
N GLY F 72 -8.75 -7.35 4.13
CA GLY F 72 -7.85 -8.27 3.39
C GLY F 72 -7.22 -7.68 2.14
N ASP F 73 -7.06 -6.35 2.11
CA ASP F 73 -6.52 -5.59 0.98
C ASP F 73 -7.37 -5.73 -0.30
N ALA F 74 -8.68 -5.99 -0.14
CA ALA F 74 -9.61 -6.10 -1.27
C ALA F 74 -9.80 -4.70 -1.82
N VAL F 75 -9.76 -4.55 -3.14
CA VAL F 75 -9.92 -3.23 -3.77
C VAL F 75 -11.08 -3.19 -4.76
N ILE F 76 -11.74 -2.03 -4.80
CA ILE F 76 -12.83 -1.72 -5.72
C ILE F 76 -12.37 -0.42 -6.42
N PRO F 77 -12.41 -0.35 -7.78
CA PRO F 77 -12.03 0.91 -8.46
C PRO F 77 -12.92 2.06 -8.00
N ALA F 78 -12.32 3.23 -7.78
CA ALA F 78 -12.99 4.40 -7.25
C ALA F 78 -12.75 5.56 -8.22
N PRO F 79 -13.49 5.57 -9.36
CA PRO F 79 -13.36 6.66 -10.33
C PRO F 79 -14.04 7.91 -9.78
N ARG F 80 -13.86 9.04 -10.46
CA ARG F 80 -14.46 10.31 -10.04
C ARG F 80 -15.98 10.16 -9.96
N GLY F 81 -16.56 10.67 -8.87
CA GLY F 81 -17.99 10.52 -8.62
C GLY F 81 -18.41 9.15 -8.09
N ALA F 82 -17.45 8.28 -7.73
CA ALA F 82 -17.75 7.00 -7.09
C ALA F 82 -18.07 7.29 -5.64
N VAL F 83 -19.01 6.56 -5.07
CA VAL F 83 -19.34 6.67 -3.65
C VAL F 83 -19.31 5.29 -2.99
N LEU F 84 -18.52 5.17 -1.92
CA LEU F 84 -18.43 3.94 -1.13
C LEU F 84 -19.31 4.20 0.05
N VAL F 85 -20.19 3.27 0.36
CA VAL F 85 -20.98 3.30 1.58
C VAL F 85 -20.56 2.05 2.34
N ALA F 86 -20.19 2.22 3.61
CA ALA F 86 -19.73 1.13 4.43
C ALA F 86 -20.01 1.33 5.91
N PRO F 87 -20.15 0.22 6.66
CA PRO F 87 -20.17 0.35 8.09
C PRO F 87 -18.84 0.88 8.60
N ILE F 88 -18.91 1.69 9.65
CA ILE F 88 -17.73 2.22 10.35
C ILE F 88 -16.86 1.05 10.87
N SER F 89 -17.49 -0.06 11.30
CA SER F 89 -16.80 -1.24 11.81
C SER F 89 -16.14 -2.11 10.74
N THR F 90 -16.51 -1.92 9.48
CA THR F 90 -15.88 -2.66 8.35
C THR F 90 -14.60 -1.92 7.97
N PRO F 91 -13.46 -2.65 7.85
CA PRO F 91 -12.24 -1.98 7.42
C PRO F 91 -12.43 -1.18 6.12
N HIS F 92 -11.97 0.06 6.13
CA HIS F 92 -12.08 0.94 4.94
C HIS F 92 -10.90 1.89 4.80
N GLY F 93 -10.46 2.06 3.56
CA GLY F 93 -9.39 2.98 3.22
C GLY F 93 -9.53 3.44 1.78
N VAL F 94 -8.64 4.32 1.35
CA VAL F 94 -8.66 4.85 -0.01
C VAL F 94 -7.22 4.98 -0.49
N ARG F 95 -6.96 4.58 -1.73
CA ARG F 95 -5.64 4.64 -2.37
C ARG F 95 -5.81 5.46 -3.65
N ALA F 96 -4.97 6.49 -3.84
CA ALA F 96 -5.05 7.36 -5.02
C ALA F 96 -4.21 6.78 -6.10
N VAL F 97 -4.78 6.66 -7.30
CA VAL F 97 -4.03 6.22 -8.51
C VAL F 97 -3.48 7.50 -9.14
N THR F 98 -4.38 8.44 -9.44
CA THR F 98 -4.02 9.77 -9.89
C THR F 98 -4.11 10.64 -8.65
N ASP F 99 -3.73 11.92 -8.77
CA ASP F 99 -3.99 12.90 -7.68
C ASP F 99 -5.51 12.85 -7.48
N MSE F 100 -5.93 12.90 -6.22
CA MSE F 100 -7.32 12.69 -5.88
C MSE F 100 -7.78 13.45 -4.65
O MSE F 100 -6.99 13.70 -3.76
CB MSE F 100 -7.48 11.18 -5.64
CG MSE F 100 -8.84 10.66 -5.12
SE MSE F 100 -8.72 8.75 -4.79
CE MSE F 100 -7.54 8.70 -3.28
N LYS F 101 -9.06 13.81 -4.62
CA LYS F 101 -9.70 14.38 -3.43
C LYS F 101 -11.06 13.71 -3.20
N VAL F 102 -11.30 13.32 -1.94
CA VAL F 102 -12.53 12.65 -1.52
C VAL F 102 -13.15 13.40 -0.36
N LEU F 103 -14.46 13.20 -0.18
CA LEU F 103 -15.23 13.74 0.92
C LEU F 103 -15.77 12.52 1.65
N VAL F 104 -15.57 12.48 2.97
CA VAL F 104 -16.05 11.38 3.82
C VAL F 104 -17.07 11.94 4.79
N THR F 105 -18.23 11.30 4.89
CA THR F 105 -19.28 11.69 5.83
C THR F 105 -19.51 10.47 6.70
N ILE F 106 -19.43 10.66 8.02
CA ILE F 106 -19.54 9.60 9.02
C ILE F 106 -20.78 9.91 9.88
N ALA F 107 -21.72 8.96 9.97
CA ALA F 107 -23.01 9.15 10.68
C ALA F 107 -23.46 7.90 11.50
N PRO F 108 -23.60 8.00 12.84
CA PRO F 108 -23.26 9.12 13.71
C PRO F 108 -21.73 9.29 13.73
N PRO F 109 -21.24 10.46 14.15
CA PRO F 109 -19.79 10.67 14.24
C PRO F 109 -19.21 9.89 15.44
N ILE F 110 -17.96 9.47 15.35
CA ILE F 110 -17.33 8.72 16.45
C ILE F 110 -17.13 9.67 17.64
N LYS G 7 0.39 -26.22 -29.54
CA LYS G 7 0.09 -25.99 -30.99
C LYS G 7 0.53 -24.58 -31.39
N SER G 8 0.99 -24.45 -32.65
CA SER G 8 1.34 -23.16 -33.23
C SER G 8 0.62 -22.99 -34.57
N HIS G 9 0.49 -21.75 -35.03
CA HIS G 9 -0.22 -21.39 -36.27
C HIS G 9 0.62 -20.36 -37.01
N ASN G 10 1.03 -20.67 -38.23
CA ASN G 10 1.86 -19.79 -39.05
C ASN G 10 0.87 -18.93 -39.77
N LEU G 11 0.49 -17.83 -39.11
CA LEU G 11 -0.59 -16.94 -39.59
C LEU G 11 -0.28 -16.24 -40.90
N LEU G 12 1.01 -16.07 -41.24
CA LEU G 12 1.38 -15.42 -42.50
C LEU G 12 1.75 -16.43 -43.60
N GLU G 13 1.52 -17.71 -43.36
CA GLU G 13 1.94 -18.75 -44.31
C GLU G 13 1.08 -18.78 -45.56
N ALA G 14 -0.24 -18.80 -45.37
CA ALA G 14 -1.21 -18.82 -46.49
C ALA G 14 -2.38 -17.93 -46.09
N VAL G 15 -2.11 -16.62 -46.11
CA VAL G 15 -3.07 -15.56 -45.77
C VAL G 15 -4.24 -15.57 -46.76
N ARG G 16 -5.48 -15.58 -46.22
CA ARG G 16 -6.71 -15.64 -47.02
C ARG G 16 -7.43 -14.29 -47.02
N PHE G 17 -7.45 -13.64 -48.18
CA PHE G 17 -8.15 -12.38 -48.39
C PHE G 17 -9.44 -12.68 -49.10
N ASP G 18 -10.45 -11.86 -48.81
CA ASP G 18 -11.72 -11.92 -49.51
C ASP G 18 -11.92 -10.50 -50.10
N ASP G 19 -12.21 -10.43 -51.40
CA ASP G 19 -12.41 -9.16 -52.09
C ASP G 19 -13.65 -8.38 -51.64
N GLN G 20 -14.68 -9.07 -51.15
CA GLN G 20 -15.96 -8.45 -50.74
C GLN G 20 -16.04 -8.00 -49.27
N ARG G 21 -15.37 -8.73 -48.38
CA ARG G 21 -15.36 -8.41 -46.94
C ARG G 21 -14.13 -9.02 -46.25
N PHE G 22 -13.78 -8.50 -45.07
CA PHE G 22 -12.66 -9.03 -44.27
C PHE G 22 -12.83 -10.53 -43.95
N VAL G 23 -11.71 -11.23 -43.80
CA VAL G 23 -11.70 -12.65 -43.43
C VAL G 23 -11.41 -12.76 -41.92
N MSE G 24 -12.36 -13.30 -41.16
CA MSE G 24 -12.20 -13.57 -39.73
C MSE G 24 -11.93 -15.05 -39.57
O MSE G 24 -12.70 -15.87 -40.09
CB MSE G 24 -13.47 -13.22 -38.95
CG MSE G 24 -13.36 -13.42 -37.44
SE MSE G 24 -15.02 -12.99 -36.56
CE MSE G 24 -16.14 -14.39 -37.30
N GLU G 25 -10.88 -15.40 -38.82
CA GLU G 25 -10.52 -16.81 -38.58
C GLU G 25 -10.24 -17.03 -37.10
N LEU G 26 -10.93 -18.01 -36.52
CA LEU G 26 -10.72 -18.40 -35.12
C LEU G 26 -9.39 -19.16 -35.04
N VAL G 27 -8.48 -18.65 -34.23
CA VAL G 27 -7.20 -19.29 -34.05
C VAL G 27 -7.26 -20.22 -32.83
N HIS G 28 -7.84 -19.76 -31.73
CA HIS G 28 -7.90 -20.54 -30.49
C HIS G 28 -9.03 -20.04 -29.62
N GLU G 29 -9.68 -20.98 -28.92
CA GLU G 29 -10.71 -20.66 -27.98
C GLU G 29 -10.61 -21.61 -26.80
N SER G 30 -10.50 -21.05 -25.61
CA SER G 30 -10.44 -21.83 -24.37
C SER G 30 -11.06 -20.99 -23.29
N GLU G 31 -11.11 -21.51 -22.07
CA GLU G 31 -11.60 -20.74 -20.93
C GLU G 31 -10.74 -19.52 -20.59
N ASN G 32 -9.48 -19.52 -21.01
CA ASN G 32 -8.55 -18.44 -20.65
C ASN G 32 -8.56 -17.28 -21.63
N PHE G 33 -8.64 -17.59 -22.91
CA PHE G 33 -8.74 -16.54 -23.91
C PHE G 33 -9.30 -17.05 -25.24
N LYS G 34 -9.67 -16.10 -26.07
CA LYS G 34 -10.15 -16.36 -27.43
C LYS G 34 -9.21 -15.54 -28.32
N ILE G 35 -8.61 -16.21 -29.28
CA ILE G 35 -7.67 -15.61 -30.23
C ILE G 35 -8.30 -15.72 -31.61
N VAL G 36 -8.49 -14.57 -32.26
CA VAL G 36 -9.10 -14.49 -33.58
CA VAL G 36 -9.08 -14.51 -33.60
C VAL G 36 -8.25 -13.59 -34.47
N SER G 37 -8.08 -13.96 -35.74
CA SER G 37 -7.34 -13.13 -36.70
C SER G 37 -8.33 -12.49 -37.66
N PHE G 38 -7.99 -11.30 -38.16
CA PHE G 38 -8.77 -10.60 -39.16
C PHE G 38 -7.83 -10.24 -40.28
N THR G 39 -8.21 -10.61 -41.51
CA THR G 39 -7.42 -10.36 -42.71
C THR G 39 -8.21 -9.39 -43.58
N PHE G 40 -7.56 -8.29 -43.94
CA PHE G 40 -8.18 -7.19 -44.68
C PHE G 40 -7.45 -6.90 -45.97
N LYS G 41 -8.21 -6.70 -47.05
CA LYS G 41 -7.66 -6.11 -48.26
C LYS G 41 -7.59 -4.60 -47.94
N ALA G 42 -6.64 -3.89 -48.56
CA ALA G 42 -6.55 -2.43 -48.40
C ALA G 42 -7.92 -1.81 -48.63
N GLY G 43 -8.36 -0.98 -47.67
CA GLY G 43 -9.67 -0.33 -47.72
C GLY G 43 -10.72 -0.98 -46.85
N GLN G 44 -10.59 -2.28 -46.60
CA GLN G 44 -11.55 -3.01 -45.74
C GLN G 44 -11.39 -2.60 -44.28
N GLU G 45 -12.45 -2.83 -43.53
CA GLU G 45 -12.55 -2.38 -42.17
C GLU G 45 -13.35 -3.32 -41.28
N LEU G 46 -12.88 -3.47 -40.04
CA LEU G 46 -13.62 -4.17 -38.98
C LEU G 46 -14.38 -3.01 -38.31
N PRO G 47 -15.72 -2.93 -38.51
CA PRO G 47 -16.49 -1.81 -37.95
C PRO G 47 -16.41 -1.70 -36.42
N VAL G 48 -16.51 -0.47 -35.93
CA VAL G 48 -16.42 -0.17 -34.50
C VAL G 48 -17.54 -0.84 -33.72
N HIS G 49 -17.18 -1.53 -32.65
CA HIS G 49 -18.13 -2.26 -31.85
C HIS G 49 -17.47 -2.63 -30.53
N SER G 50 -18.26 -3.30 -29.69
CA SER G 50 -17.77 -3.84 -28.43
C SER G 50 -18.53 -5.11 -28.13
N HIS G 51 -18.07 -5.82 -27.11
CA HIS G 51 -18.77 -7.00 -26.56
C HIS G 51 -19.04 -6.80 -25.10
N ASN G 52 -20.15 -7.39 -24.66
CA ASN G 52 -20.60 -7.32 -23.28
C ASN G 52 -19.80 -8.29 -22.40
N ILE G 53 -18.53 -7.97 -22.20
CA ILE G 53 -17.62 -8.78 -21.38
C ILE G 53 -16.75 -7.83 -20.55
N GLU G 54 -16.52 -8.22 -19.29
CA GLU G 54 -15.63 -7.53 -18.38
C GLU G 54 -14.28 -8.18 -18.62
N GLY G 55 -13.47 -7.52 -19.42
CA GLY G 55 -12.14 -8.04 -19.74
C GLY G 55 -11.40 -7.10 -20.65
N GLU G 56 -10.30 -7.58 -21.21
CA GLU G 56 -9.53 -6.79 -22.12
C GLU G 56 -9.18 -7.57 -23.35
N LEU G 57 -8.81 -6.82 -24.37
CA LEU G 57 -8.31 -7.41 -25.58
C LEU G 57 -7.09 -6.67 -26.03
N ASN G 58 -6.33 -7.34 -26.89
CA ASN G 58 -5.19 -6.73 -27.54
C ASN G 58 -5.30 -7.06 -29.02
N ILE G 59 -4.93 -6.10 -29.87
CA ILE G 59 -4.96 -6.29 -31.33
C ILE G 59 -3.55 -6.03 -31.77
N VAL G 60 -2.93 -7.02 -32.41
CA VAL G 60 -1.55 -6.94 -32.89
C VAL G 60 -1.57 -6.93 -34.41
N VAL G 61 -0.90 -5.96 -35.02
CA VAL G 61 -0.80 -5.91 -36.48
C VAL G 61 0.32 -6.83 -36.92
N LEU G 62 -0.04 -7.97 -37.51
CA LEU G 62 0.95 -8.93 -37.99
C LEU G 62 1.61 -8.56 -39.31
N GLU G 63 0.81 -7.96 -40.19
CA GLU G 63 1.22 -7.62 -41.55
C GLU G 63 0.42 -6.40 -42.01
N GLY G 64 1.08 -5.58 -42.82
CA GLY G 64 0.49 -4.37 -43.37
C GLY G 64 0.37 -3.23 -42.38
N GLU G 65 -0.42 -2.23 -42.79
CA GLU G 65 -0.67 -1.03 -42.00
C GLU G 65 -2.11 -0.64 -42.05
N GLY G 66 -2.57 -0.13 -40.92
CA GLY G 66 -3.91 0.34 -40.77
C GLY G 66 -4.03 1.39 -39.71
N GLU G 67 -5.21 1.40 -39.09
CA GLU G 67 -5.57 2.34 -38.04
C GLU G 67 -6.45 1.65 -37.03
N PHE G 68 -6.24 1.95 -35.75
CA PHE G 68 -7.13 1.51 -34.68
C PHE G 68 -8.17 2.61 -34.56
N VAL G 69 -9.45 2.22 -34.43
CA VAL G 69 -10.55 3.17 -34.35
C VAL G 69 -11.31 2.93 -33.03
N GLY G 70 -11.63 4.00 -32.32
CA GLY G 70 -12.39 3.95 -31.06
C GLY G 70 -13.68 4.71 -31.25
N ASP G 71 -14.21 5.25 -30.16
CA ASP G 71 -15.46 6.02 -30.19
C ASP G 71 -15.29 7.42 -30.84
N GLY G 72 -16.35 7.86 -31.52
CA GLY G 72 -16.37 9.14 -32.21
C GLY G 72 -15.41 9.24 -33.38
N ASP G 73 -15.26 8.14 -34.12
CA ASP G 73 -14.37 8.07 -35.32
C ASP G 73 -12.86 8.36 -35.10
N ALA G 74 -12.41 8.52 -33.84
CA ALA G 74 -11.01 8.87 -33.50
C ALA G 74 -10.05 7.72 -33.84
N VAL G 75 -8.95 8.03 -34.54
CA VAL G 75 -8.03 7.01 -35.08
C VAL G 75 -6.58 7.10 -34.59
N ILE G 76 -5.97 5.91 -34.42
CA ILE G 76 -4.57 5.75 -33.98
C ILE G 76 -3.88 5.00 -35.12
N PRO G 77 -2.76 5.52 -35.69
CA PRO G 77 -2.04 4.76 -36.72
C PRO G 77 -1.56 3.40 -36.17
N ALA G 78 -1.86 2.33 -36.91
CA ALA G 78 -1.53 0.94 -36.54
C ALA G 78 -0.53 0.36 -37.55
N PRO G 79 0.75 0.78 -37.46
CA PRO G 79 1.73 0.19 -38.38
C PRO G 79 1.97 -1.28 -38.02
N ARG G 80 2.65 -2.01 -38.91
CA ARG G 80 3.01 -3.39 -38.65
C ARG G 80 3.69 -3.44 -37.29
N GLY G 81 3.25 -4.40 -36.47
CA GLY G 81 3.79 -4.56 -35.12
C GLY G 81 3.15 -3.69 -34.06
N ALA G 82 2.11 -2.92 -34.42
CA ALA G 82 1.37 -2.09 -33.44
C ALA G 82 0.50 -3.00 -32.59
N VAL G 83 0.35 -2.66 -31.31
CA VAL G 83 -0.53 -3.40 -30.40
C VAL G 83 -1.44 -2.42 -29.64
N LEU G 84 -2.75 -2.60 -29.77
CA LEU G 84 -3.76 -1.81 -29.04
C LEU G 84 -4.16 -2.67 -27.87
N VAL G 85 -4.28 -2.12 -26.67
CA VAL G 85 -4.83 -2.84 -25.51
C VAL G 85 -5.99 -1.99 -25.01
N ALA G 86 -7.15 -2.61 -24.87
CA ALA G 86 -8.35 -1.89 -24.48
C ALA G 86 -9.40 -2.79 -23.82
N PRO G 87 -10.37 -2.20 -23.09
CA PRO G 87 -11.42 -3.03 -22.53
C PRO G 87 -12.27 -3.64 -23.65
N ILE G 88 -12.82 -4.83 -23.41
CA ILE G 88 -13.67 -5.51 -24.39
C ILE G 88 -14.98 -4.72 -24.61
N SER G 89 -15.47 -4.05 -23.57
CA SER G 89 -16.70 -3.24 -23.59
C SER G 89 -16.54 -1.86 -24.25
N THR G 90 -15.31 -1.40 -24.46
CA THR G 90 -15.03 -0.11 -25.09
C THR G 90 -15.14 -0.28 -26.61
N PRO G 91 -15.75 0.67 -27.32
CA PRO G 91 -15.81 0.58 -28.78
C PRO G 91 -14.42 0.49 -29.41
N HIS G 92 -14.27 -0.46 -30.33
CA HIS G 92 -13.02 -0.69 -31.05
C HIS G 92 -13.30 -1.19 -32.48
N GLY G 93 -12.48 -0.71 -33.42
CA GLY G 93 -12.52 -1.10 -34.84
C GLY G 93 -11.12 -1.05 -35.43
N VAL G 94 -10.98 -1.57 -36.65
CA VAL G 94 -9.69 -1.54 -37.37
C VAL G 94 -9.95 -1.20 -38.85
N ARG G 95 -9.09 -0.34 -39.42
CA ARG G 95 -9.18 0.07 -40.82
C ARG G 95 -7.84 -0.23 -41.51
N ALA G 96 -7.86 -1.06 -42.56
CA ALA G 96 -6.65 -1.43 -43.30
C ALA G 96 -6.30 -0.35 -44.30
N VAL G 97 -5.07 0.18 -44.23
CA VAL G 97 -4.59 1.18 -45.19
C VAL G 97 -3.96 0.42 -46.35
N THR G 98 -3.12 -0.58 -46.03
CA THR G 98 -2.62 -1.54 -47.01
C THR G 98 -3.32 -2.87 -46.69
N ASP G 99 -3.01 -3.89 -47.49
CA ASP G 99 -3.44 -5.27 -47.17
C ASP G 99 -2.88 -5.58 -45.79
N MSE G 100 -3.70 -6.14 -44.91
CA MSE G 100 -3.36 -6.25 -43.50
C MSE G 100 -3.93 -7.47 -42.80
O MSE G 100 -5.03 -7.92 -43.11
CB MSE G 100 -3.89 -4.96 -42.82
CG MSE G 100 -3.58 -4.71 -41.31
SE MSE G 100 -4.76 -3.29 -40.68
CE MSE G 100 -3.96 -2.86 -38.96
N LYS G 101 -3.15 -8.01 -41.87
CA LYS G 101 -3.62 -9.09 -41.00
C LYS G 101 -3.32 -8.74 -39.54
N VAL G 102 -4.36 -8.83 -38.70
CA VAL G 102 -4.25 -8.54 -37.27
C VAL G 102 -4.65 -9.77 -36.46
N LEU G 103 -4.13 -9.85 -35.24
CA LEU G 103 -4.44 -10.94 -34.31
C LEU G 103 -5.06 -10.32 -33.08
N VAL G 104 -6.24 -10.79 -32.73
CA VAL G 104 -6.98 -10.29 -31.57
C VAL G 104 -7.06 -11.35 -30.46
N THR G 105 -6.56 -11.01 -29.27
CA THR G 105 -6.61 -11.86 -28.06
C THR G 105 -7.57 -11.21 -27.09
N ILE G 106 -8.55 -11.97 -26.63
CA ILE G 106 -9.64 -11.51 -25.75
C ILE G 106 -9.53 -12.29 -24.44
N ALA G 107 -9.38 -11.58 -23.31
CA ALA G 107 -9.18 -12.20 -22.00
C ALA G 107 -9.92 -11.47 -20.89
N PRO G 108 -10.85 -12.13 -20.17
CA PRO G 108 -11.37 -13.50 -20.36
C PRO G 108 -12.30 -13.52 -21.58
N PRO G 109 -12.57 -14.72 -22.14
CA PRO G 109 -13.46 -14.83 -23.28
C PRO G 109 -14.96 -14.70 -22.94
N ILE G 110 -15.34 -14.78 -21.66
CA ILE G 110 -16.75 -14.60 -21.20
C ILE G 110 -16.78 -13.70 -19.95
N LYS H 7 -5.12 2.88 -25.88
CA LYS H 7 -3.64 3.03 -25.81
C LYS H 7 -2.96 1.93 -26.66
N SER H 8 -1.97 2.36 -27.45
CA SER H 8 -1.24 1.50 -28.37
C SER H 8 0.28 1.60 -28.22
N HIS H 9 0.96 0.57 -28.71
CA HIS H 9 2.42 0.47 -28.67
C HIS H 9 2.88 -0.03 -30.02
N ASN H 10 3.77 0.71 -30.64
CA ASN H 10 4.35 0.39 -31.93
C ASN H 10 5.64 -0.38 -31.64
N LEU H 11 5.49 -1.71 -31.51
CA LEU H 11 6.57 -2.58 -31.09
C LEU H 11 7.76 -2.66 -32.04
N LEU H 12 7.57 -2.32 -33.32
CA LEU H 12 8.66 -2.34 -34.31
C LEU H 12 9.19 -0.93 -34.67
N GLU H 13 8.81 0.08 -33.88
CA GLU H 13 9.17 1.47 -34.14
C GLU H 13 10.58 1.82 -33.69
N ALA H 14 10.93 1.40 -32.47
CA ALA H 14 12.25 1.64 -31.86
C ALA H 14 12.69 0.37 -31.13
N VAL H 15 12.98 -0.66 -31.92
CA VAL H 15 13.39 -1.99 -31.42
C VAL H 15 14.79 -1.88 -30.78
N ARG H 16 14.90 -2.43 -29.56
CA ARG H 16 16.15 -2.41 -28.77
C ARG H 16 16.67 -3.85 -28.63
N PHE H 17 17.83 -4.11 -29.23
CA PHE H 17 18.53 -5.39 -29.10
C PHE H 17 19.68 -5.18 -28.13
N ASP H 18 20.03 -6.24 -27.39
CA ASP H 18 21.17 -6.23 -26.46
C ASP H 18 22.05 -7.41 -26.87
N ASP H 19 23.35 -7.13 -27.08
CA ASP H 19 24.32 -8.17 -27.46
C ASP H 19 24.53 -9.21 -26.35
N GLN H 20 24.44 -8.77 -25.09
CA GLN H 20 24.69 -9.63 -23.92
C GLN H 20 23.61 -10.64 -23.66
N ARG H 21 22.36 -10.20 -23.77
CA ARG H 21 21.19 -11.00 -23.42
C ARG H 21 19.96 -10.51 -24.17
N PHE H 22 18.85 -11.26 -24.09
CA PHE H 22 17.59 -10.78 -24.70
C PHE H 22 17.05 -9.55 -23.94
N VAL H 23 16.21 -8.77 -24.61
CA VAL H 23 15.61 -7.56 -24.05
C VAL H 23 14.16 -7.88 -23.74
N MSE H 24 13.74 -7.69 -22.50
CA MSE H 24 12.35 -7.93 -22.06
C MSE H 24 11.69 -6.57 -21.80
O MSE H 24 12.31 -5.72 -21.17
CB MSE H 24 12.33 -8.76 -20.77
CG MSE H 24 10.94 -9.20 -20.34
SE MSE H 24 10.98 -10.36 -18.79
CE MSE H 24 11.53 -9.06 -17.44
N GLU H 25 10.48 -6.35 -22.30
CA GLU H 25 9.78 -5.07 -22.06
C GLU H 25 8.33 -5.35 -21.73
N LEU H 26 7.90 -4.92 -20.55
CA LEU H 26 6.51 -5.04 -20.14
C LEU H 26 5.70 -4.08 -21.04
N VAL H 27 4.71 -4.64 -21.72
CA VAL H 27 3.81 -3.88 -22.61
C VAL H 27 2.54 -3.50 -21.86
N HIS H 28 1.97 -4.46 -21.12
CA HIS H 28 0.76 -4.21 -20.34
C HIS H 28 0.55 -5.24 -19.25
N GLU H 29 0.05 -4.78 -18.10
CA GLU H 29 -0.29 -5.68 -17.00
C GLU H 29 -1.57 -5.21 -16.34
N SER H 30 -2.48 -6.15 -16.17
CA SER H 30 -3.78 -5.93 -15.56
C SER H 30 -4.24 -7.25 -14.96
N GLU H 31 -5.41 -7.29 -14.35
CA GLU H 31 -5.98 -8.55 -13.84
C GLU H 31 -6.38 -9.56 -14.93
N ASN H 32 -6.49 -9.11 -16.18
CA ASN H 32 -6.94 -9.94 -17.31
C ASN H 32 -5.81 -10.63 -18.04
N PHE H 33 -4.75 -9.89 -18.32
CA PHE H 33 -3.55 -10.45 -18.90
C PHE H 33 -2.27 -9.64 -18.65
N LYS H 34 -1.14 -10.30 -18.88
CA LYS H 34 0.17 -9.72 -18.86
C LYS H 34 0.68 -9.86 -20.29
N ILE H 35 1.16 -8.75 -20.85
CA ILE H 35 1.70 -8.68 -22.22
C ILE H 35 3.14 -8.16 -22.12
N VAL H 36 4.07 -8.99 -22.61
CA VAL H 36 5.50 -8.67 -22.59
CA VAL H 36 5.51 -8.72 -22.56
C VAL H 36 6.11 -8.99 -23.94
N SER H 37 7.05 -8.15 -24.37
CA SER H 37 7.75 -8.36 -25.63
C SER H 37 9.16 -8.86 -25.29
N PHE H 38 9.74 -9.69 -26.16
CA PHE H 38 11.11 -10.14 -26.02
C PHE H 38 11.82 -9.89 -27.34
N THR H 39 12.97 -9.23 -27.27
CA THR H 39 13.76 -8.90 -28.46
C THR H 39 15.07 -9.67 -28.35
N PHE H 40 15.34 -10.49 -29.37
CA PHE H 40 16.48 -11.39 -29.45
C PHE H 40 17.36 -11.08 -30.64
N LYS H 41 18.68 -11.04 -30.41
CA LYS H 41 19.64 -11.05 -31.50
C LYS H 41 19.71 -12.53 -31.89
N ALA H 42 20.08 -12.82 -33.13
CA ALA H 42 20.22 -14.23 -33.63
C ALA H 42 21.00 -15.09 -32.63
N GLY H 43 20.46 -16.25 -32.28
CA GLY H 43 21.08 -17.16 -31.33
C GLY H 43 20.59 -17.01 -29.91
N GLN H 44 20.02 -15.85 -29.55
CA GLN H 44 19.47 -15.65 -28.22
C GLN H 44 18.20 -16.47 -28.02
N GLU H 45 17.89 -16.71 -26.75
CA GLU H 45 16.85 -17.61 -26.34
C GLU H 45 16.15 -17.19 -25.04
N LEU H 46 14.83 -17.40 -25.00
CA LEU H 46 14.02 -17.29 -23.78
C LEU H 46 14.02 -18.74 -23.32
N PRO H 47 14.72 -19.06 -22.21
CA PRO H 47 14.85 -20.46 -21.77
C PRO H 47 13.52 -21.12 -21.54
N VAL H 48 13.43 -22.41 -21.84
CA VAL H 48 12.20 -23.18 -21.63
C VAL H 48 11.81 -23.10 -20.16
N HIS H 49 10.54 -22.78 -19.92
CA HIS H 49 10.01 -22.59 -18.57
C HIS H 49 8.54 -22.90 -18.51
N SER H 50 8.03 -22.96 -17.28
CA SER H 50 6.63 -23.24 -17.02
C SER H 50 6.34 -22.95 -15.58
N HIS H 51 5.07 -22.72 -15.29
CA HIS H 51 4.60 -22.42 -13.95
C HIS H 51 3.42 -23.36 -13.71
N ASN H 52 3.42 -24.10 -12.60
CA ASN H 52 2.34 -25.05 -12.26
C ASN H 52 1.09 -24.28 -11.80
N ILE H 53 0.39 -23.73 -12.77
CA ILE H 53 -0.84 -22.95 -12.53
C ILE H 53 -1.73 -22.97 -13.78
N GLU H 54 -3.04 -22.85 -13.60
CA GLU H 54 -3.96 -22.83 -14.71
C GLU H 54 -3.74 -21.53 -15.53
N GLY H 55 -4.05 -21.61 -16.81
CA GLY H 55 -3.87 -20.52 -17.72
C GLY H 55 -3.11 -20.93 -18.94
N GLU H 56 -3.10 -20.02 -19.88
CA GLU H 56 -2.42 -20.20 -21.13
C GLU H 56 -1.68 -18.94 -21.50
N LEU H 57 -0.73 -19.12 -22.41
CA LEU H 57 -0.05 -17.98 -22.99
C LEU H 57 -0.06 -18.12 -24.49
N ASN H 58 0.17 -17.01 -25.18
CA ASN H 58 0.40 -17.06 -26.63
C ASN H 58 1.67 -16.29 -26.90
N ILE H 59 2.43 -16.73 -27.91
CA ILE H 59 3.67 -16.07 -28.29
C ILE H 59 3.56 -15.80 -29.78
N VAL H 60 3.58 -14.51 -30.17
CA VAL H 60 3.45 -14.08 -31.56
CA VAL H 60 3.47 -14.14 -31.58
C VAL H 60 4.82 -13.57 -32.02
N VAL H 61 5.29 -14.03 -33.20
CA VAL H 61 6.56 -13.60 -33.74
C VAL H 61 6.23 -12.38 -34.59
N LEU H 62 6.67 -11.21 -34.13
CA LEU H 62 6.42 -9.93 -34.84
C LEU H 62 7.46 -9.64 -35.88
N GLU H 63 8.69 -10.09 -35.65
CA GLU H 63 9.80 -9.77 -36.54
C GLU H 63 10.78 -10.91 -36.48
N GLY H 64 11.36 -11.27 -37.62
CA GLY H 64 12.34 -12.30 -37.70
C GLY H 64 11.75 -13.69 -37.62
N GLU H 65 12.65 -14.66 -37.45
CA GLU H 65 12.29 -16.05 -37.32
C GLU H 65 13.07 -16.74 -36.23
N GLY H 66 12.48 -17.81 -35.75
CA GLY H 66 13.11 -18.63 -34.75
C GLY H 66 12.41 -19.94 -34.65
N GLU H 67 12.36 -20.47 -33.45
CA GLU H 67 11.63 -21.68 -33.17
C GLU H 67 11.09 -21.66 -31.75
N PHE H 68 9.91 -22.23 -31.60
CA PHE H 68 9.28 -22.41 -30.31
C PHE H 68 9.87 -23.69 -29.79
N VAL H 69 10.17 -23.69 -28.50
CA VAL H 69 10.75 -24.82 -27.80
C VAL H 69 9.69 -25.26 -26.83
N GLY H 70 9.45 -26.57 -26.78
CA GLY H 70 8.41 -27.14 -25.92
C GLY H 70 8.91 -28.23 -24.99
N ASP H 71 7.97 -29.10 -24.61
CA ASP H 71 8.27 -30.20 -23.68
C ASP H 71 9.29 -31.12 -24.33
N GLY H 72 10.24 -31.57 -23.50
CA GLY H 72 11.36 -32.43 -23.96
C GLY H 72 12.32 -31.74 -24.92
N ASP H 73 12.35 -30.40 -24.89
CA ASP H 73 13.20 -29.59 -25.79
C ASP H 73 12.88 -29.74 -27.28
N ALA H 74 11.63 -30.13 -27.59
CA ALA H 74 11.17 -30.30 -28.98
C ALA H 74 10.94 -28.92 -29.58
N VAL H 75 11.41 -28.75 -30.82
CA VAL H 75 11.32 -27.47 -31.50
C VAL H 75 10.30 -27.52 -32.62
N ILE H 76 9.70 -26.35 -32.84
CA ILE H 76 8.71 -26.06 -33.88
C ILE H 76 9.17 -24.76 -34.53
N PRO H 77 9.35 -24.73 -35.88
CA PRO H 77 9.75 -23.49 -36.52
C PRO H 77 8.75 -22.38 -36.20
N ALA H 78 9.28 -21.19 -35.91
CA ALA H 78 8.53 -20.01 -35.53
C ALA H 78 8.84 -18.88 -36.54
N PRO H 79 8.23 -18.94 -37.74
CA PRO H 79 8.42 -17.86 -38.72
C PRO H 79 7.66 -16.62 -38.29
N ARG H 80 7.97 -15.51 -38.98
CA ARG H 80 7.26 -14.25 -38.74
C ARG H 80 5.75 -14.52 -38.91
N GLY H 81 4.99 -14.04 -37.93
CA GLY H 81 3.57 -14.27 -37.88
C GLY H 81 3.13 -15.58 -37.25
N ALA H 82 4.07 -16.43 -36.82
CA ALA H 82 3.70 -17.67 -36.14
C ALA H 82 3.17 -17.33 -34.75
N VAL H 83 2.15 -18.06 -34.30
CA VAL H 83 1.63 -17.88 -32.94
C VAL H 83 1.62 -19.26 -32.25
N LEU H 84 2.27 -19.33 -31.08
CA LEU H 84 2.28 -20.50 -30.21
C LEU H 84 1.20 -20.24 -29.20
N VAL H 85 0.35 -21.24 -28.95
CA VAL H 85 -0.63 -21.19 -27.88
C VAL H 85 -0.33 -22.40 -27.04
N ALA H 86 -0.12 -22.19 -25.74
CA ALA H 86 0.23 -23.26 -24.84
C ALA H 86 -0.25 -23.01 -23.45
N PRO H 87 -0.46 -24.10 -22.68
CA PRO H 87 -0.70 -23.91 -21.27
C PRO H 87 0.55 -23.35 -20.57
N ILE H 88 0.32 -22.54 -19.54
CA ILE H 88 1.40 -21.98 -18.72
C ILE H 88 2.25 -23.10 -18.07
N SER H 89 1.59 -24.21 -17.68
CA SER H 89 2.25 -25.38 -17.07
C SER H 89 3.00 -26.28 -18.03
N THR H 90 2.85 -26.06 -19.35
CA THR H 90 3.58 -26.85 -20.34
C THR H 90 4.87 -26.10 -20.60
N PRO H 91 6.05 -26.80 -20.61
CA PRO H 91 7.30 -26.10 -20.88
C PRO H 91 7.24 -25.32 -22.20
N HIS H 92 7.69 -24.08 -22.17
CA HIS H 92 7.67 -23.22 -23.36
C HIS H 92 8.88 -22.30 -23.36
N GLY H 93 9.52 -22.19 -24.52
CA GLY H 93 10.65 -21.29 -24.74
C GLY H 93 10.62 -20.82 -26.20
N VAL H 94 11.50 -19.87 -26.51
CA VAL H 94 11.69 -19.35 -27.86
C VAL H 94 13.19 -19.25 -28.10
N ARG H 95 13.63 -19.64 -29.29
CA ARG H 95 15.02 -19.52 -29.69
C ARG H 95 15.04 -18.73 -31.01
N ALA H 96 15.83 -17.65 -31.06
CA ALA H 96 15.92 -16.80 -32.24
C ALA H 96 16.92 -17.42 -33.22
N VAL H 97 16.50 -17.54 -34.49
CA VAL H 97 17.35 -18.01 -35.60
C VAL H 97 17.93 -16.76 -36.22
N THR H 98 17.07 -15.81 -36.56
CA THR H 98 17.50 -14.48 -37.00
C THR H 98 17.28 -13.55 -35.80
N ASP H 99 17.59 -12.26 -35.98
CA ASP H 99 17.21 -11.24 -34.99
C ASP H 99 15.69 -11.31 -34.96
N MSE H 100 15.10 -11.39 -33.77
CA MSE H 100 13.67 -11.64 -33.64
C MSE H 100 13.04 -10.83 -32.54
O MSE H 100 13.69 -10.54 -31.55
CB MSE H 100 13.49 -13.13 -33.32
CG MSE H 100 12.05 -13.68 -33.25
SE MSE H 100 12.23 -15.52 -32.66
CE MSE H 100 10.40 -16.16 -32.84
N LYS H 101 11.76 -10.49 -32.70
CA LYS H 101 10.98 -9.83 -31.64
C LYS H 101 9.64 -10.57 -31.52
N VAL H 102 9.28 -10.96 -30.30
CA VAL H 102 8.03 -11.69 -30.07
C VAL H 102 7.20 -10.97 -29.04
N LEU H 103 5.89 -11.22 -29.07
CA LEU H 103 4.94 -10.65 -28.11
C LEU H 103 4.26 -11.80 -27.36
N VAL H 104 4.38 -11.78 -26.04
CA VAL H 104 3.83 -12.81 -25.17
C VAL H 104 2.66 -12.25 -24.37
N THR H 105 1.52 -12.93 -24.44
CA THR H 105 0.30 -12.59 -23.72
C THR H 105 -0.03 -13.77 -22.81
N ILE H 106 -0.17 -13.51 -21.52
CA ILE H 106 -0.43 -14.55 -20.50
C ILE H 106 -1.76 -14.25 -19.84
N ALA H 107 -2.67 -15.22 -19.88
CA ALA H 107 -4.02 -15.10 -19.34
C ALA H 107 -4.46 -16.43 -18.65
N PRO H 108 -4.78 -16.39 -17.34
CA PRO H 108 -4.63 -15.27 -16.42
C PRO H 108 -3.17 -14.99 -16.15
N PRO H 109 -2.87 -13.77 -15.69
CA PRO H 109 -1.49 -13.44 -15.36
C PRO H 109 -1.03 -14.19 -14.07
N ILE H 110 0.28 -14.44 -13.95
CA ILE H 110 0.84 -15.10 -12.75
C ILE H 110 0.84 -14.07 -11.60
C1 EDO I . 5.18 9.51 43.47
O1 EDO I . 4.31 8.98 42.46
C2 EDO I . 4.44 9.82 44.75
O2 EDO I . 3.91 8.63 45.32
C1 EDO J . -4.69 5.58 16.18
O1 EDO J . -5.22 4.36 15.63
C2 EDO J . -5.80 6.39 16.81
O2 EDO J . -5.87 6.06 18.21
C1 EDO K . 32.67 -21.79 7.50
O1 EDO K . 31.52 -22.25 8.23
C2 EDO K . 32.89 -20.28 7.64
O2 EDO K . 32.26 -19.55 6.57
S SO4 L . 23.64 -24.93 -11.87
O1 SO4 L . 24.12 -26.25 -12.26
O2 SO4 L . 23.51 -24.91 -10.42
O3 SO4 L . 24.58 -23.90 -12.32
O4 SO4 L . 22.34 -24.73 -12.50
C1 EDO M . 1.69 -0.23 3.13
O1 EDO M . 0.95 -1.28 2.49
C2 EDO M . 1.95 -0.58 4.60
O2 EDO M . 1.94 0.63 5.37
C1 EDO N . -34.50 16.58 2.25
O1 EDO N . -33.86 17.54 1.41
C2 EDO N . -34.61 17.13 3.67
O2 EDO N . -35.38 18.36 3.76
C1 EDO O . -14.67 6.42 9.66
O1 EDO O . -13.57 6.84 8.83
C2 EDO O . -14.17 5.92 10.99
O2 EDO O . -13.86 4.52 10.95
C1 EDO P . 4.85 -17.42 -19.19
O1 EDO P . 6.06 -16.90 -19.76
C2 EDO P . 5.10 -18.01 -17.81
O2 EDO P . 4.97 -19.45 -17.75
#